data_6YKY
#
_entry.id   6YKY
#
_cell.length_a   65.978
_cell.length_b   100.883
_cell.length_c   195.522
_cell.angle_alpha   90.000
_cell.angle_beta   90.000
_cell.angle_gamma   90.000
#
_symmetry.space_group_name_H-M   'P 21 21 21'
#
loop_
_entity.id
_entity.type
_entity.pdbx_description
1 polymer 'Mitogen-activated protein kinase 6'
2 non-polymer 3-(4-methoxyphenyl)-~{N}-[(3~{R})-1-pyridin-4-ylpyrrolidin-3-yl]-[1,2,3]triazolo[4,5-d]pyrimidin-5-amine
3 water water
#
_entity_poly.entity_id   1
_entity_poly.type   'polypeptide(L)'
_entity_poly.pdbx_seq_one_letter_code
;MNIHGFDLGSRYMDLKPLGCGGNGLVFSAVDNDCDKRVAIKKIVLTDPQSVKHALREIKIIRRLDHDNIVKVFEILGPSG
SQLTDDVGSLTELNSVYIVQEYMETDLANVLEQGPLLEEHARLFMYQLLRGLKYIHSANVLHRDLKPANLFINTEDLVLK
IGDFGLARIMDPHYSHKGHLSEGLVTKWYRSPRLLLSPNNYTKAIDMWAAGCIFAEMLTGKTLFAGAHELEQMQLILESI
PVVHEEDRQELLSVIPVYIRNDMTEPHKPLTQLLPGISREAVDFLEQILTFSPMDRLTAEEALSHPYMSIYSFPMDEPI
;
_entity_poly.pdbx_strand_id   A,B,C,D
#
# COMPACT_ATOMS: atom_id res chain seq x y z
N SER A 10 1.85 -26.07 52.86
CA SER A 10 2.61 -25.82 54.09
C SER A 10 4.08 -25.54 53.79
N ARG A 11 4.56 -25.99 52.61
CA ARG A 11 5.93 -25.87 52.15
C ARG A 11 6.25 -24.47 51.63
N TYR A 12 5.50 -24.02 50.61
CA TYR A 12 5.77 -22.74 49.94
C TYR A 12 5.00 -21.57 50.54
N MET A 13 5.75 -20.58 51.06
CA MET A 13 5.20 -19.38 51.70
C MET A 13 5.47 -18.08 50.94
N ASP A 14 4.78 -16.99 51.37
CA ASP A 14 4.84 -15.64 50.82
C ASP A 14 4.90 -15.60 49.27
N LEU A 15 3.75 -15.87 48.63
CA LEU A 15 3.69 -15.88 47.17
C LEU A 15 3.19 -14.52 46.59
N LYS A 16 4.03 -13.94 45.71
CA LYS A 16 3.84 -12.66 45.01
C LYS A 16 3.86 -12.88 43.49
N PRO A 17 2.78 -12.49 42.75
CA PRO A 17 2.75 -12.69 41.29
C PRO A 17 3.89 -12.02 40.54
N LEU A 18 4.48 -12.76 39.56
CA LEU A 18 5.61 -12.41 38.69
C LEU A 18 5.16 -11.97 37.29
N GLY A 19 3.88 -12.17 37.00
CA GLY A 19 3.28 -11.85 35.71
C GLY A 19 2.42 -12.98 35.18
N CYS A 20 2.07 -12.89 33.89
CA CYS A 20 1.21 -13.86 33.24
C CYS A 20 1.84 -14.47 32.00
N GLY A 21 1.81 -15.79 31.93
CA GLY A 21 2.28 -16.55 30.78
C GLY A 21 1.11 -16.98 29.94
N GLY A 22 1.34 -17.93 29.05
CA GLY A 22 0.29 -18.48 28.19
C GLY A 22 -0.65 -19.40 28.98
N ASN A 23 -0.06 -20.35 29.74
CA ASN A 23 -0.76 -21.36 30.56
C ASN A 23 -1.49 -20.77 31.79
N GLY A 24 -0.89 -19.74 32.40
CA GLY A 24 -1.45 -19.09 33.59
C GLY A 24 -0.54 -18.12 34.29
N LEU A 25 -0.93 -17.71 35.52
CA LEU A 25 -0.19 -16.78 36.38
C LEU A 25 1.03 -17.46 37.01
N VAL A 26 2.14 -16.72 37.13
CA VAL A 26 3.40 -17.19 37.69
C VAL A 26 3.66 -16.40 38.96
N PHE A 27 4.17 -17.04 40.02
CA PHE A 27 4.43 -16.40 41.31
C PHE A 27 5.81 -16.76 41.81
N SER A 28 6.43 -15.84 42.55
CA SER A 28 7.69 -16.09 43.23
C SER A 28 7.27 -16.42 44.66
N ALA A 29 7.97 -17.35 45.31
CA ALA A 29 7.69 -17.79 46.67
C ALA A 29 8.96 -18.35 47.29
N VAL A 30 8.96 -18.47 48.63
CA VAL A 30 10.08 -19.02 49.38
C VAL A 30 9.70 -20.42 49.92
N ASP A 31 10.63 -21.37 49.86
CA ASP A 31 10.47 -22.73 50.35
C ASP A 31 10.89 -22.74 51.83
N ASN A 32 10.19 -23.56 52.66
CA ASN A 32 10.46 -23.69 54.09
C ASN A 32 11.48 -24.79 54.37
N ASP A 33 11.48 -25.87 53.54
CA ASP A 33 12.40 -27.00 53.65
C ASP A 33 13.86 -26.49 53.57
N CYS A 34 14.15 -25.66 52.56
CA CYS A 34 15.42 -24.99 52.30
C CYS A 34 15.09 -23.51 52.09
N ASP A 35 15.84 -22.58 52.70
CA ASP A 35 15.58 -21.14 52.59
C ASP A 35 15.91 -20.50 51.21
N LYS A 36 15.64 -21.25 50.11
CA LYS A 36 15.84 -20.85 48.73
C LYS A 36 14.53 -20.34 48.12
N ARG A 37 14.62 -19.58 47.02
CA ARG A 37 13.47 -19.03 46.29
C ARG A 37 13.08 -19.93 45.10
N VAL A 38 11.77 -20.04 44.83
CA VAL A 38 11.21 -20.83 43.72
C VAL A 38 10.31 -19.95 42.84
N ALA A 39 9.87 -20.49 41.69
CA ALA A 39 8.94 -19.85 40.74
C ALA A 39 7.83 -20.86 40.48
N ILE A 40 6.59 -20.52 40.85
CA ILE A 40 5.44 -21.42 40.75
C ILE A 40 4.45 -20.97 39.66
N LYS A 41 4.02 -21.89 38.78
CA LYS A 41 3.03 -21.59 37.74
C LYS A 41 1.69 -22.24 38.09
N LYS A 42 0.63 -21.43 38.17
CA LYS A 42 -0.72 -21.92 38.42
C LYS A 42 -1.43 -22.02 37.07
N ILE A 43 -1.94 -23.23 36.80
CA ILE A 43 -2.68 -23.51 35.58
C ILE A 43 -4.10 -23.84 35.99
N VAL A 44 -5.06 -23.13 35.40
CA VAL A 44 -6.48 -23.34 35.68
C VAL A 44 -7.04 -24.34 34.68
N LEU A 45 -7.75 -25.37 35.20
CA LEU A 45 -8.39 -26.41 34.40
C LEU A 45 -9.83 -25.92 34.05
N THR A 46 -9.89 -24.85 33.22
CA THR A 46 -11.10 -24.17 32.75
C THR A 46 -11.98 -25.13 31.94
N ASP A 47 -11.38 -25.76 30.92
CA ASP A 47 -12.05 -26.64 30.00
C ASP A 47 -11.36 -28.02 29.89
N PRO A 48 -11.99 -29.09 29.32
CA PRO A 48 -11.26 -30.38 29.22
C PRO A 48 -10.09 -30.33 28.23
N GLN A 49 -10.07 -29.31 27.33
CA GLN A 49 -8.99 -29.05 26.37
C GLN A 49 -7.73 -28.59 27.12
N SER A 50 -7.92 -27.84 28.23
CA SER A 50 -6.86 -27.29 29.09
C SER A 50 -6.15 -28.38 29.92
N VAL A 51 -6.90 -29.41 30.36
CA VAL A 51 -6.42 -30.54 31.15
C VAL A 51 -5.53 -31.44 30.27
N LYS A 52 -5.96 -31.68 29.02
CA LYS A 52 -5.24 -32.47 28.00
C LYS A 52 -3.92 -31.77 27.62
N HIS A 53 -3.94 -30.43 27.53
CA HIS A 53 -2.79 -29.60 27.19
C HIS A 53 -1.76 -29.57 28.34
N ALA A 54 -2.23 -29.40 29.59
CA ALA A 54 -1.40 -29.35 30.80
C ALA A 54 -0.66 -30.67 31.04
N LEU A 55 -1.34 -31.81 30.76
CA LEU A 55 -0.83 -33.18 30.93
C LEU A 55 0.29 -33.52 29.95
N ARG A 56 0.24 -32.97 28.73
CA ARG A 56 1.25 -33.14 27.67
C ARG A 56 2.54 -32.45 28.09
N GLU A 57 2.41 -31.17 28.52
CA GLU A 57 3.46 -30.29 29.03
C GLU A 57 4.22 -30.89 30.22
N ILE A 58 3.51 -31.53 31.20
CA ILE A 58 4.14 -32.07 32.42
C ILE A 58 5.10 -33.26 32.10
N LYS A 59 4.62 -34.32 31.42
CA LYS A 59 5.39 -35.50 31.01
C LYS A 59 6.71 -35.12 30.28
N ILE A 60 6.70 -34.03 29.48
CA ILE A 60 7.86 -33.50 28.75
C ILE A 60 8.92 -32.93 29.74
N ILE A 61 8.55 -31.88 30.51
CA ILE A 61 9.41 -31.16 31.45
C ILE A 61 9.95 -32.05 32.59
N ARG A 62 9.21 -33.13 32.96
CA ARG A 62 9.61 -34.09 34.01
C ARG A 62 10.81 -34.96 33.63
N ARG A 63 11.11 -35.07 32.33
CA ARG A 63 12.20 -35.93 31.87
C ARG A 63 13.40 -35.16 31.33
N LEU A 64 13.25 -33.83 31.09
CA LEU A 64 14.31 -32.95 30.60
C LEU A 64 15.13 -32.39 31.75
N ASP A 65 16.47 -32.60 31.69
CA ASP A 65 17.42 -32.13 32.69
C ASP A 65 18.70 -31.73 31.97
N HIS A 66 18.94 -30.44 31.87
CA HIS A 66 20.10 -29.82 31.23
C HIS A 66 20.40 -28.47 31.92
N ASP A 67 21.67 -28.06 31.90
CA ASP A 67 22.17 -26.80 32.48
C ASP A 67 21.50 -25.54 31.90
N ASN A 68 21.01 -25.58 30.65
CA ASN A 68 20.40 -24.44 29.95
C ASN A 68 18.90 -24.57 29.73
N ILE A 69 18.23 -25.32 30.61
CA ILE A 69 16.78 -25.50 30.63
C ILE A 69 16.40 -25.24 32.09
N VAL A 70 15.39 -24.37 32.34
CA VAL A 70 14.92 -24.06 33.70
C VAL A 70 14.50 -25.38 34.40
N LYS A 71 15.05 -25.64 35.59
CA LYS A 71 14.79 -26.88 36.34
C LYS A 71 13.42 -26.91 37.03
N VAL A 72 12.69 -28.01 36.80
CA VAL A 72 11.38 -28.27 37.41
C VAL A 72 11.61 -29.14 38.64
N PHE A 73 11.17 -28.67 39.81
CA PHE A 73 11.32 -29.38 41.06
C PHE A 73 10.15 -30.31 41.38
N GLU A 74 8.92 -29.77 41.39
CA GLU A 74 7.72 -30.51 41.79
C GLU A 74 6.45 -30.08 41.04
N ILE A 75 5.41 -30.95 41.11
CA ILE A 75 4.08 -30.73 40.56
C ILE A 75 3.06 -31.06 41.67
N LEU A 76 2.25 -30.05 42.01
CA LEU A 76 1.25 -30.10 43.07
C LEU A 76 -0.09 -29.58 42.58
N GLY A 77 -1.18 -30.16 43.09
CA GLY A 77 -2.54 -29.75 42.78
C GLY A 77 -3.08 -28.74 43.80
N PRO A 78 -4.42 -28.64 43.96
CA PRO A 78 -4.95 -27.70 44.98
C PRO A 78 -4.58 -28.16 46.39
N SER A 79 -4.08 -27.22 47.22
CA SER A 79 -3.59 -27.41 48.60
C SER A 79 -2.13 -27.89 48.68
N GLY A 80 -1.51 -28.10 47.52
CA GLY A 80 -0.13 -28.56 47.40
C GLY A 80 0.06 -30.03 47.71
N SER A 81 0.02 -30.89 46.67
CA SER A 81 0.16 -32.34 46.83
C SER A 81 0.90 -32.98 45.65
N GLN A 82 2.08 -33.59 45.92
CA GLN A 82 2.91 -34.23 44.90
C GLN A 82 2.33 -35.56 44.44
N SER A 95 -7.06 -27.15 39.54
CA SER A 95 -5.85 -26.32 39.42
C SER A 95 -4.55 -27.12 39.62
N VAL A 96 -3.50 -26.79 38.83
CA VAL A 96 -2.18 -27.44 38.88
C VAL A 96 -1.11 -26.35 39.10
N TYR A 97 -0.05 -26.70 39.86
CA TYR A 97 1.07 -25.83 40.19
C TYR A 97 2.42 -26.48 39.89
N ILE A 98 3.21 -25.84 39.00
CA ILE A 98 4.54 -26.30 38.61
C ILE A 98 5.58 -25.47 39.36
N VAL A 99 6.34 -26.11 40.29
CA VAL A 99 7.43 -25.48 41.07
C VAL A 99 8.72 -25.62 40.24
N GLN A 100 9.34 -24.49 39.86
CA GLN A 100 10.59 -24.45 39.08
C GLN A 100 11.65 -23.61 39.77
N GLU A 101 12.90 -23.58 39.23
CA GLU A 101 13.96 -22.78 39.82
C GLU A 101 13.75 -21.31 39.56
N TYR A 102 14.04 -20.46 40.55
CA TYR A 102 13.93 -19.01 40.45
C TYR A 102 15.18 -18.45 39.77
N MET A 103 14.97 -17.69 38.68
CA MET A 103 16.07 -17.07 37.95
C MET A 103 15.97 -15.57 38.24
N GLU A 104 17.11 -14.89 38.30
CA GLU A 104 17.20 -13.47 38.64
C GLU A 104 16.35 -12.57 37.72
N THR A 105 16.51 -12.74 36.41
CA THR A 105 15.81 -11.92 35.40
C THR A 105 15.54 -12.75 34.13
N ASP A 106 15.02 -12.07 33.09
CA ASP A 106 14.79 -12.60 31.75
C ASP A 106 15.61 -11.75 30.74
N LEU A 107 15.91 -12.29 29.53
CA LEU A 107 16.70 -11.59 28.52
C LEU A 107 16.05 -10.29 28.00
N ALA A 108 14.71 -10.24 27.96
CA ALA A 108 13.98 -9.06 27.52
C ALA A 108 14.27 -7.84 28.47
N ASN A 109 14.26 -8.09 29.78
CA ASN A 109 14.55 -7.09 30.79
C ASN A 109 16.03 -6.61 30.69
N VAL A 110 16.97 -7.51 30.34
CA VAL A 110 18.39 -7.21 30.16
C VAL A 110 18.60 -6.28 28.94
N LEU A 111 17.95 -6.59 27.81
CA LEU A 111 18.06 -5.83 26.56
C LEU A 111 17.26 -4.49 26.52
N GLU A 112 16.30 -4.28 27.43
CA GLU A 112 15.59 -3.00 27.52
C GLU A 112 16.61 -1.95 27.93
N GLN A 113 17.67 -2.41 28.67
CA GLN A 113 18.74 -1.58 29.18
C GLN A 113 19.86 -1.29 28.17
N GLY A 114 19.76 -1.84 26.98
CA GLY A 114 20.74 -1.61 25.93
C GLY A 114 21.33 -2.87 25.30
N PRO A 115 22.20 -2.70 24.26
CA PRO A 115 22.83 -3.88 23.65
C PRO A 115 23.95 -4.48 24.53
N LEU A 116 24.36 -5.72 24.21
CA LEU A 116 25.40 -6.41 24.98
C LEU A 116 26.73 -6.35 24.27
N LEU A 117 27.83 -6.50 25.05
CA LEU A 117 29.18 -6.63 24.52
C LEU A 117 29.14 -7.91 23.69
N GLU A 118 29.84 -7.94 22.53
CA GLU A 118 29.85 -9.13 21.66
C GLU A 118 30.25 -10.41 22.41
N GLU A 119 31.17 -10.29 23.40
CA GLU A 119 31.58 -11.40 24.27
C GLU A 119 30.40 -11.99 25.06
N HIS A 120 29.47 -11.12 25.56
CA HIS A 120 28.28 -11.56 26.30
C HIS A 120 27.19 -12.13 25.40
N ALA A 121 26.98 -11.55 24.22
CA ALA A 121 25.98 -12.01 23.27
C ALA A 121 26.37 -13.40 22.77
N ARG A 122 27.67 -13.56 22.48
CA ARG A 122 28.30 -14.80 21.98
C ARG A 122 28.21 -15.93 23.03
N LEU A 123 28.45 -15.61 24.30
CA LEU A 123 28.34 -16.53 25.43
C LEU A 123 26.87 -16.99 25.64
N PHE A 124 25.91 -16.06 25.57
CA PHE A 124 24.47 -16.34 25.70
C PHE A 124 23.91 -17.16 24.53
N MET A 125 24.43 -16.89 23.31
CA MET A 125 24.10 -17.62 22.08
C MET A 125 24.56 -19.08 22.20
N TYR A 126 25.78 -19.29 22.73
CA TYR A 126 26.36 -20.62 22.94
C TYR A 126 25.45 -21.44 23.86
N GLN A 127 25.02 -20.82 24.96
CA GLN A 127 24.14 -21.47 25.93
C GLN A 127 22.76 -21.76 25.36
N LEU A 128 22.19 -20.78 24.64
CA LEU A 128 20.91 -20.96 23.96
C LEU A 128 21.00 -22.14 22.98
N LEU A 129 22.06 -22.20 22.13
CA LEU A 129 22.28 -23.29 21.17
C LEU A 129 22.47 -24.64 21.85
N ARG A 130 23.18 -24.65 23.03
CA ARG A 130 23.39 -25.87 23.82
C ARG A 130 22.05 -26.41 24.34
N GLY A 131 21.18 -25.52 24.80
CA GLY A 131 19.83 -25.85 25.26
C GLY A 131 18.94 -26.37 24.17
N LEU A 132 19.03 -25.77 22.94
CA LEU A 132 18.27 -26.20 21.75
C LEU A 132 18.74 -27.56 21.24
N LYS A 133 20.07 -27.77 21.15
CA LYS A 133 20.65 -29.04 20.72
C LYS A 133 20.14 -30.18 21.63
N TYR A 134 19.98 -29.90 22.94
CA TYR A 134 19.49 -30.89 23.91
C TYR A 134 18.03 -31.25 23.65
N ILE A 135 17.12 -30.26 23.65
CA ILE A 135 15.69 -30.49 23.47
C ILE A 135 15.40 -31.13 22.10
N HIS A 136 16.07 -30.67 21.02
CA HIS A 136 15.91 -31.22 19.68
C HIS A 136 16.28 -32.69 19.58
N SER A 137 17.33 -33.10 20.31
CA SER A 137 17.80 -34.49 20.39
C SER A 137 16.76 -35.43 21.01
N ALA A 138 15.89 -34.90 21.87
CA ALA A 138 14.82 -35.58 22.58
C ALA A 138 13.50 -35.51 21.81
N ASN A 139 13.52 -34.87 20.64
CA ASN A 139 12.40 -34.61 19.72
C ASN A 139 11.38 -33.63 20.33
N VAL A 140 11.89 -32.70 21.15
CA VAL A 140 11.12 -31.60 21.72
C VAL A 140 11.60 -30.35 20.96
N LEU A 141 10.70 -29.39 20.79
CA LEU A 141 10.96 -28.07 20.25
C LEU A 141 10.34 -27.00 21.17
N HIS A 142 10.65 -25.73 20.96
CA HIS A 142 10.07 -24.68 21.76
C HIS A 142 9.13 -23.83 20.86
N ARG A 143 7.82 -23.93 21.07
CA ARG A 143 6.80 -23.20 20.31
C ARG A 143 6.76 -21.64 20.60
N ASP A 144 7.56 -21.12 21.57
CA ASP A 144 7.50 -19.71 21.95
C ASP A 144 8.88 -19.11 22.35
N LEU A 145 9.89 -19.31 21.48
CA LEU A 145 11.23 -18.83 21.73
C LEU A 145 11.34 -17.31 21.50
N LYS A 146 11.62 -16.56 22.56
CA LYS A 146 11.74 -15.09 22.55
C LYS A 146 12.52 -14.63 23.77
N PRO A 147 13.17 -13.42 23.79
CA PRO A 147 13.94 -12.99 24.96
C PRO A 147 13.23 -13.06 26.32
N ALA A 148 11.91 -12.84 26.39
CA ALA A 148 11.13 -12.93 27.62
C ALA A 148 11.12 -14.34 28.26
N ASN A 149 11.32 -15.40 27.47
CA ASN A 149 11.35 -16.80 27.90
C ASN A 149 12.77 -17.36 28.04
N LEU A 150 13.80 -16.50 27.95
CA LEU A 150 15.18 -16.92 28.18
C LEU A 150 15.54 -16.23 29.47
N PHE A 151 15.79 -17.04 30.50
CA PHE A 151 16.07 -16.58 31.86
C PHE A 151 17.55 -16.52 32.18
N ILE A 152 17.97 -15.44 32.88
CA ILE A 152 19.37 -15.13 33.23
C ILE A 152 19.60 -15.03 34.74
N ASN A 153 20.79 -15.45 35.16
CA ASN A 153 21.38 -15.24 36.48
C ASN A 153 22.63 -14.44 36.09
N THR A 154 22.60 -13.11 36.33
CA THR A 154 23.64 -12.17 35.89
C THR A 154 24.99 -12.39 36.58
N GLU A 155 24.97 -12.99 37.78
CA GLU A 155 26.15 -13.29 38.58
C GLU A 155 27.11 -14.25 37.88
N ASP A 156 26.57 -15.40 37.39
CA ASP A 156 27.30 -16.47 36.72
C ASP A 156 27.24 -16.38 35.20
N LEU A 157 26.42 -15.44 34.67
CA LEU A 157 26.15 -15.23 33.25
C LEU A 157 25.60 -16.52 32.59
N VAL A 158 24.71 -17.22 33.33
CA VAL A 158 24.02 -18.45 32.88
C VAL A 158 22.66 -18.07 32.22
N LEU A 159 22.35 -18.67 31.08
CA LEU A 159 21.11 -18.52 30.34
C LEU A 159 20.41 -19.91 30.36
N LYS A 160 19.09 -19.90 30.62
CA LYS A 160 18.26 -21.09 30.67
C LYS A 160 16.95 -20.81 29.92
N ILE A 161 16.56 -21.74 29.07
CA ILE A 161 15.33 -21.67 28.29
C ILE A 161 14.19 -22.07 29.24
N GLY A 162 13.10 -21.32 29.14
CA GLY A 162 11.89 -21.55 29.92
C GLY A 162 11.16 -22.79 29.42
N ASP A 163 10.54 -23.52 30.37
CA ASP A 163 9.81 -24.78 30.16
C ASP A 163 8.49 -24.58 29.44
N PHE A 164 7.84 -23.45 29.66
CA PHE A 164 6.55 -23.23 29.03
C PHE A 164 6.74 -22.80 27.59
N GLY A 165 6.26 -23.67 26.72
CA GLY A 165 6.36 -23.51 25.27
C GLY A 165 6.97 -24.76 24.66
N LEU A 166 7.59 -25.59 25.52
CA LEU A 166 8.23 -26.85 25.13
C LEU A 166 7.21 -27.86 24.66
N ALA A 167 7.41 -28.38 23.44
CA ALA A 167 6.50 -29.35 22.88
C ALA A 167 7.14 -30.40 21.99
N ARG A 168 6.58 -31.61 22.06
CA ARG A 168 6.98 -32.74 21.22
C ARG A 168 6.60 -32.39 19.75
N ILE A 169 7.55 -32.54 18.80
CA ILE A 169 7.37 -32.19 17.37
C ILE A 169 6.18 -32.93 16.65
N MET A 170 5.71 -34.09 17.17
CA MET A 170 4.57 -34.81 16.60
C MET A 170 3.34 -34.74 17.49
N LEU A 180 -8.49 -18.02 21.03
CA LEU A 180 -8.35 -17.11 22.18
C LEU A 180 -6.94 -16.65 22.39
N SER A 181 -6.78 -15.32 22.58
CA SER A 181 -5.51 -14.60 22.75
C SER A 181 -4.51 -14.77 21.59
N GLU A 182 -4.98 -15.03 20.35
CA GLU A 182 -4.08 -15.19 19.18
C GLU A 182 -3.27 -13.93 18.86
N GLY A 183 -3.88 -12.75 19.03
CA GLY A 183 -3.24 -11.46 18.85
C GLY A 183 -2.11 -11.18 19.82
N LEU A 184 -2.01 -11.97 20.90
CA LEU A 184 -0.97 -11.82 21.91
C LEU A 184 0.27 -12.66 21.62
N VAL A 185 0.33 -13.26 20.42
CA VAL A 185 1.50 -14.00 19.93
C VAL A 185 2.37 -13.04 19.07
N THR A 186 3.65 -12.87 19.41
CA THR A 186 4.54 -11.97 18.65
C THR A 186 4.91 -12.58 17.32
N LYS A 187 4.90 -11.77 16.28
CA LYS A 187 5.26 -12.21 14.95
C LYS A 187 6.76 -12.11 14.74
N TRP A 188 7.44 -11.29 15.55
CA TRP A 188 8.86 -10.95 15.48
C TRP A 188 9.89 -12.09 15.31
N TYR A 189 9.71 -13.29 15.91
CA TYR A 189 10.74 -14.35 15.83
C TYR A 189 10.32 -15.53 14.97
N ARG A 190 9.28 -15.29 14.12
CA ARG A 190 8.70 -16.25 13.20
C ARG A 190 9.44 -16.31 11.89
N SER A 191 9.78 -17.54 11.46
CA SER A 191 10.52 -17.83 10.24
C SER A 191 9.67 -17.61 9.00
N PRO A 192 10.26 -17.27 7.82
CA PRO A 192 9.43 -17.13 6.62
C PRO A 192 8.47 -18.31 6.40
N ARG A 193 8.91 -19.54 6.66
CA ARG A 193 8.10 -20.76 6.53
C ARG A 193 6.92 -20.78 7.50
N LEU A 194 7.12 -20.39 8.77
CA LEU A 194 6.07 -20.33 9.78
C LEU A 194 5.05 -19.25 9.43
N LEU A 195 5.47 -18.20 8.71
CA LEU A 195 4.53 -17.16 8.28
C LEU A 195 3.63 -17.68 7.15
N LEU A 196 4.18 -18.56 6.26
CA LEU A 196 3.47 -19.19 5.13
C LEU A 196 2.64 -20.40 5.55
N SER A 197 3.09 -21.17 6.57
CA SER A 197 2.43 -22.36 7.13
C SER A 197 2.36 -22.13 8.64
N PRO A 198 1.30 -21.44 9.13
CA PRO A 198 1.27 -20.99 10.54
C PRO A 198 1.17 -22.01 11.66
N ASN A 199 0.72 -23.24 11.39
CA ASN A 199 0.59 -24.19 12.50
C ASN A 199 1.65 -25.30 12.49
N ASN A 200 2.64 -25.19 11.59
CA ASN A 200 3.70 -26.18 11.43
C ASN A 200 4.98 -25.73 12.15
N TYR A 201 5.28 -26.36 13.29
CA TYR A 201 6.47 -26.12 14.08
C TYR A 201 7.51 -27.24 13.84
N THR A 202 8.78 -26.84 13.64
CA THR A 202 9.93 -27.72 13.36
C THR A 202 11.15 -27.23 14.15
N LYS A 203 12.22 -28.02 14.19
CA LYS A 203 13.46 -27.64 14.85
C LYS A 203 14.08 -26.38 14.20
N ALA A 204 14.01 -26.29 12.83
CA ALA A 204 14.55 -25.19 12.05
C ALA A 204 13.92 -23.85 12.42
N ILE A 205 12.64 -23.89 12.85
CA ILE A 205 11.89 -22.72 13.30
C ILE A 205 12.49 -22.16 14.60
N ASP A 206 12.96 -23.03 15.50
CA ASP A 206 13.64 -22.62 16.73
C ASP A 206 14.95 -21.93 16.40
N MET A 207 15.66 -22.43 15.40
CA MET A 207 16.93 -21.90 14.92
C MET A 207 16.81 -20.52 14.31
N TRP A 208 15.74 -20.24 13.54
CA TRP A 208 15.48 -18.91 12.98
C TRP A 208 15.33 -17.91 14.12
N ALA A 209 14.51 -18.25 15.16
CA ALA A 209 14.26 -17.44 16.34
C ALA A 209 15.57 -17.16 17.09
N ALA A 210 16.44 -18.16 17.23
CA ALA A 210 17.74 -18.00 17.87
C ALA A 210 18.62 -16.96 17.13
N GLY A 211 18.57 -16.93 15.80
CA GLY A 211 19.30 -15.96 14.99
C GLY A 211 18.82 -14.54 15.27
N CYS A 212 17.50 -14.36 15.34
CA CYS A 212 16.82 -13.10 15.60
C CYS A 212 17.18 -12.56 16.99
N ILE A 213 17.21 -13.45 18.02
CA ILE A 213 17.56 -13.10 19.40
C ILE A 213 19.04 -12.67 19.45
N PHE A 214 19.93 -13.39 18.75
CA PHE A 214 21.35 -13.04 18.67
C PHE A 214 21.58 -11.63 18.11
N ALA A 215 20.88 -11.28 17.00
CA ALA A 215 20.95 -9.96 16.38
C ALA A 215 20.45 -8.89 17.36
N GLU A 216 19.41 -9.22 18.16
CA GLU A 216 18.82 -8.34 19.17
C GLU A 216 19.78 -8.11 20.36
N MET A 217 20.53 -9.14 20.75
CA MET A 217 21.54 -9.01 21.83
C MET A 217 22.67 -8.10 21.38
N LEU A 218 23.08 -8.19 20.08
CA LEU A 218 24.14 -7.38 19.50
C LEU A 218 23.78 -5.91 19.29
N THR A 219 22.56 -5.61 18.83
CA THR A 219 22.10 -4.24 18.51
C THR A 219 21.23 -3.56 19.58
N GLY A 220 20.52 -4.35 20.40
CA GLY A 220 19.64 -3.82 21.42
C GLY A 220 18.26 -3.47 20.90
N LYS A 221 17.94 -3.86 19.64
CA LYS A 221 16.64 -3.63 18.99
C LYS A 221 16.20 -4.85 18.17
N THR A 222 14.87 -5.04 18.02
CA THR A 222 14.28 -6.15 17.25
C THR A 222 14.73 -6.09 15.80
N LEU A 223 15.23 -7.23 15.28
CA LEU A 223 15.70 -7.31 13.90
C LEU A 223 14.60 -7.04 12.89
N PHE A 224 13.47 -7.78 12.98
CA PHE A 224 12.29 -7.60 12.10
C PHE A 224 11.07 -7.36 12.98
N ALA A 225 10.71 -6.09 13.16
CA ALA A 225 9.61 -5.66 14.02
C ALA A 225 8.27 -5.33 13.28
N GLY A 226 7.62 -6.38 12.79
CA GLY A 226 6.32 -6.27 12.17
C GLY A 226 5.22 -6.60 13.16
N ALA A 227 4.03 -6.00 12.95
CA ALA A 227 2.83 -6.27 13.76
C ALA A 227 1.93 -7.28 13.08
N HIS A 228 2.06 -7.44 11.74
CA HIS A 228 1.27 -8.41 10.98
C HIS A 228 2.13 -9.33 10.15
N GLU A 229 1.59 -10.51 9.83
CA GLU A 229 2.25 -11.58 9.07
C GLU A 229 2.81 -11.10 7.72
N LEU A 230 2.08 -10.27 6.99
CA LEU A 230 2.54 -9.78 5.68
C LEU A 230 3.66 -8.75 5.81
N GLU A 231 3.54 -7.77 6.76
CA GLU A 231 4.60 -6.77 6.90
C GLU A 231 5.90 -7.41 7.38
N GLN A 232 5.79 -8.47 8.21
CA GLN A 232 6.91 -9.27 8.70
C GLN A 232 7.60 -9.94 7.51
N MET A 233 6.83 -10.47 6.56
CA MET A 233 7.39 -11.10 5.37
C MET A 233 8.11 -10.05 4.51
N GLN A 234 7.50 -8.87 4.35
CA GLN A 234 8.08 -7.76 3.58
C GLN A 234 9.37 -7.20 4.19
N LEU A 235 9.48 -7.22 5.54
CA LEU A 235 10.67 -6.76 6.28
C LEU A 235 11.83 -7.73 6.10
N ILE A 236 11.52 -9.05 6.13
CA ILE A 236 12.47 -10.14 5.93
C ILE A 236 13.03 -10.06 4.51
N LEU A 237 12.15 -9.95 3.51
CA LEU A 237 12.47 -9.92 2.09
C LEU A 237 13.36 -8.74 1.66
N GLU A 238 13.40 -7.65 2.49
CA GLU A 238 14.24 -6.48 2.26
C GLU A 238 15.71 -6.79 2.62
N SER A 239 15.95 -7.84 3.43
CA SER A 239 17.29 -8.20 3.95
C SER A 239 17.77 -9.61 3.67
N ILE A 240 16.85 -10.58 3.51
CA ILE A 240 17.20 -12.00 3.34
C ILE A 240 17.02 -12.45 1.91
N PRO A 241 18.07 -13.05 1.30
CA PRO A 241 17.92 -13.52 -0.09
C PRO A 241 17.08 -14.78 -0.23
N VAL A 242 16.36 -14.90 -1.35
CA VAL A 242 15.59 -16.09 -1.69
C VAL A 242 16.46 -16.76 -2.76
N VAL A 243 17.12 -17.86 -2.40
CA VAL A 243 18.05 -18.49 -3.34
C VAL A 243 17.45 -19.68 -4.12
N HIS A 244 16.30 -20.26 -3.68
CA HIS A 244 15.66 -21.39 -4.40
C HIS A 244 14.44 -20.95 -5.18
N GLU A 245 14.22 -21.57 -6.37
CA GLU A 245 13.10 -21.26 -7.24
C GLU A 245 11.77 -21.72 -6.64
N GLU A 246 11.78 -22.83 -5.86
CA GLU A 246 10.61 -23.37 -5.17
C GLU A 246 10.10 -22.33 -4.14
N ASP A 247 11.05 -21.68 -3.43
CA ASP A 247 10.78 -20.63 -2.45
C ASP A 247 10.27 -19.36 -3.15
N ARG A 248 10.87 -19.02 -4.30
CA ARG A 248 10.52 -17.86 -5.13
C ARG A 248 9.11 -17.99 -5.73
N GLN A 249 8.77 -19.20 -6.22
CA GLN A 249 7.46 -19.50 -6.77
C GLN A 249 6.36 -19.41 -5.71
N GLU A 250 6.65 -19.85 -4.48
CA GLU A 250 5.68 -19.78 -3.38
C GLU A 250 5.35 -18.32 -3.04
N LEU A 251 6.38 -17.44 -2.98
CA LEU A 251 6.21 -16.01 -2.74
C LEU A 251 5.44 -15.32 -3.86
N LEU A 252 5.65 -15.71 -5.14
CA LEU A 252 4.92 -15.13 -6.28
C LEU A 252 3.41 -15.46 -6.24
N SER A 253 3.03 -16.51 -5.47
CA SER A 253 1.65 -16.96 -5.29
C SER A 253 0.98 -16.29 -4.07
N VAL A 254 1.73 -15.51 -3.28
CA VAL A 254 1.26 -14.83 -2.07
C VAL A 254 1.50 -13.28 -2.17
N ILE A 255 2.69 -12.86 -2.66
CA ILE A 255 3.16 -11.46 -2.86
C ILE A 255 3.73 -11.29 -4.33
N PRO A 256 2.87 -11.09 -5.35
CA PRO A 256 3.39 -11.03 -6.73
C PRO A 256 4.18 -9.79 -7.18
N VAL A 257 4.39 -8.79 -6.31
CA VAL A 257 5.11 -7.53 -6.63
C VAL A 257 6.61 -7.74 -6.98
N TYR A 258 7.25 -8.78 -6.37
CA TYR A 258 8.67 -9.12 -6.55
C TYR A 258 9.02 -9.98 -7.78
N ILE A 259 8.05 -10.15 -8.72
CA ILE A 259 8.12 -10.95 -9.94
C ILE A 259 9.31 -10.56 -10.88
N ARG A 260 9.70 -9.26 -10.96
CA ARG A 260 10.84 -8.81 -11.79
C ARG A 260 12.02 -8.27 -10.95
N ASN A 261 12.10 -8.74 -9.68
CA ASN A 261 13.16 -8.40 -8.73
C ASN A 261 14.07 -9.63 -8.57
N ASP A 262 15.40 -9.41 -8.62
CA ASP A 262 16.36 -10.50 -8.42
C ASP A 262 16.40 -10.69 -6.91
N MET A 263 15.71 -11.75 -6.43
CA MET A 263 15.55 -12.05 -5.01
C MET A 263 16.86 -12.46 -4.33
N THR A 264 17.89 -12.71 -5.12
CA THR A 264 19.22 -13.16 -4.74
C THR A 264 20.04 -12.04 -4.05
N GLU A 265 19.77 -10.77 -4.37
CA GLU A 265 20.47 -9.60 -3.79
C GLU A 265 19.46 -8.64 -3.11
N PRO A 266 19.22 -8.70 -1.77
CA PRO A 266 18.22 -7.81 -1.15
C PRO A 266 18.68 -6.35 -1.07
N HIS A 267 17.73 -5.39 -1.05
CA HIS A 267 18.03 -3.95 -0.99
C HIS A 267 18.79 -3.52 0.26
N LYS A 268 18.41 -4.07 1.43
CA LYS A 268 19.08 -3.71 2.68
C LYS A 268 19.61 -4.98 3.37
N PRO A 269 20.76 -5.55 2.93
CA PRO A 269 21.26 -6.81 3.54
C PRO A 269 21.66 -6.72 5.00
N LEU A 270 21.86 -7.89 5.68
CA LEU A 270 22.24 -7.95 7.11
C LEU A 270 23.45 -7.12 7.48
N THR A 271 24.44 -6.99 6.56
CA THR A 271 25.64 -6.18 6.76
C THR A 271 25.26 -4.69 7.00
N GLN A 272 24.18 -4.22 6.33
CA GLN A 272 23.66 -2.85 6.48
C GLN A 272 22.79 -2.73 7.74
N LEU A 273 21.92 -3.72 7.99
CA LEU A 273 21.02 -3.77 9.16
C LEU A 273 21.77 -3.81 10.52
N LEU A 274 22.99 -4.37 10.53
CA LEU A 274 23.84 -4.47 11.73
C LEU A 274 25.14 -3.70 11.47
N PRO A 275 25.15 -2.34 11.64
CA PRO A 275 26.33 -1.56 11.20
C PRO A 275 27.55 -1.39 12.14
N GLY A 276 27.51 -1.79 13.41
CA GLY A 276 28.71 -1.65 14.24
C GLY A 276 29.31 -2.97 14.69
N ILE A 277 28.64 -4.08 14.34
CA ILE A 277 29.04 -5.40 14.81
C ILE A 277 30.06 -6.04 13.87
N SER A 278 30.90 -6.96 14.40
CA SER A 278 31.99 -7.65 13.69
C SER A 278 31.53 -8.50 12.51
N ARG A 279 32.39 -8.64 11.49
CA ARG A 279 32.13 -9.45 10.29
C ARG A 279 31.94 -10.94 10.61
N GLU A 280 32.60 -11.44 11.66
CA GLU A 280 32.53 -12.81 12.18
C GLU A 280 31.12 -13.13 12.69
N ALA A 281 30.50 -12.15 13.40
CA ALA A 281 29.13 -12.26 13.94
C ALA A 281 28.09 -12.26 12.83
N VAL A 282 28.23 -11.36 11.85
CA VAL A 282 27.35 -11.20 10.67
C VAL A 282 27.44 -12.48 9.80
N ASP A 283 28.65 -13.04 9.61
CA ASP A 283 28.84 -14.25 8.82
C ASP A 283 28.14 -15.44 9.46
N PHE A 284 28.27 -15.59 10.79
CA PHE A 284 27.62 -16.63 11.56
C PHE A 284 26.09 -16.44 11.44
N LEU A 285 25.63 -15.20 11.57
CA LEU A 285 24.22 -14.82 11.44
C LEU A 285 23.62 -15.11 10.06
N GLU A 286 24.39 -14.86 8.99
CA GLU A 286 23.96 -15.10 7.62
C GLU A 286 23.68 -16.58 7.34
N GLN A 287 24.31 -17.46 8.15
CA GLN A 287 24.17 -18.92 8.06
C GLN A 287 22.95 -19.45 8.82
N ILE A 288 22.38 -18.66 9.72
CA ILE A 288 21.19 -19.01 10.50
C ILE A 288 19.98 -18.33 9.86
N LEU A 289 20.11 -17.06 9.45
CA LEU A 289 19.01 -16.33 8.85
C LEU A 289 18.96 -16.51 7.34
N THR A 290 18.75 -17.77 6.94
CA THR A 290 18.56 -18.18 5.55
C THR A 290 17.06 -18.34 5.38
N PHE A 291 16.53 -17.92 4.24
CA PHE A 291 15.11 -18.03 3.91
C PHE A 291 14.59 -19.47 4.01
N SER A 292 15.32 -20.43 3.44
CA SER A 292 14.99 -21.85 3.40
C SER A 292 15.57 -22.60 4.62
N PRO A 293 14.76 -23.48 5.28
CA PRO A 293 15.31 -24.28 6.39
C PRO A 293 16.36 -25.29 5.92
N MET A 294 16.36 -25.64 4.63
CA MET A 294 17.29 -26.58 4.02
C MET A 294 18.75 -26.08 4.04
N ASP A 295 18.97 -24.73 4.05
CA ASP A 295 20.31 -24.10 4.04
C ASP A 295 20.76 -23.69 5.45
N ARG A 296 19.81 -23.61 6.38
CA ARG A 296 20.01 -23.19 7.77
C ARG A 296 20.82 -24.20 8.60
N LEU A 297 21.74 -23.66 9.43
CA LEU A 297 22.53 -24.48 10.36
C LEU A 297 21.56 -25.03 11.42
N THR A 298 21.83 -26.26 11.87
CA THR A 298 21.08 -26.88 12.95
C THR A 298 21.80 -26.40 14.22
N ALA A 299 21.24 -26.65 15.43
CA ALA A 299 21.86 -26.26 16.71
C ALA A 299 23.23 -26.92 16.83
N GLU A 300 23.31 -28.20 16.47
CA GLU A 300 24.52 -29.01 16.47
C GLU A 300 25.60 -28.43 15.50
N GLU A 301 25.19 -28.02 14.29
CA GLU A 301 26.09 -27.46 13.29
C GLU A 301 26.58 -26.08 13.72
N ALA A 302 25.67 -25.22 14.28
CA ALA A 302 25.99 -23.87 14.76
C ALA A 302 27.02 -23.92 15.90
N LEU A 303 26.93 -24.95 16.78
CA LEU A 303 27.87 -25.14 17.88
C LEU A 303 29.22 -25.54 17.38
N SER A 304 29.27 -26.32 16.28
CA SER A 304 30.53 -26.79 15.70
C SER A 304 31.16 -25.70 14.81
N HIS A 305 30.42 -24.59 14.53
CA HIS A 305 30.91 -23.45 13.74
C HIS A 305 32.12 -22.83 14.50
N PRO A 306 33.21 -22.41 13.80
CA PRO A 306 34.38 -21.84 14.52
C PRO A 306 34.07 -20.66 15.46
N TYR A 307 33.02 -19.88 15.16
CA TYR A 307 32.60 -18.73 15.96
C TYR A 307 32.12 -19.18 17.35
N MET A 308 31.62 -20.44 17.47
CA MET A 308 31.08 -21.01 18.71
C MET A 308 31.99 -22.07 19.38
N SER A 309 32.68 -22.91 18.57
CA SER A 309 33.53 -24.01 19.05
C SER A 309 34.63 -23.60 20.07
N ILE A 310 34.98 -22.29 20.15
CA ILE A 310 36.02 -21.77 21.05
C ILE A 310 35.61 -21.81 22.57
N TYR A 311 34.33 -22.12 22.87
CA TYR A 311 33.77 -22.23 24.22
C TYR A 311 33.71 -23.70 24.67
N LEU B 8 22.22 -3.67 -64.98
CA LEU B 8 21.83 -5.04 -64.63
C LEU B 8 20.49 -5.46 -65.26
N GLY B 9 20.56 -6.38 -66.22
CA GLY B 9 19.40 -6.90 -66.93
C GLY B 9 18.94 -6.06 -68.11
N SER B 10 18.03 -6.61 -68.93
CA SER B 10 17.45 -5.92 -70.09
C SER B 10 16.41 -4.89 -69.66
N ARG B 11 15.77 -5.10 -68.50
CA ARG B 11 14.73 -4.24 -67.93
C ARG B 11 15.25 -3.04 -67.16
N TYR B 12 16.35 -3.22 -66.39
CA TYR B 12 16.86 -2.18 -65.48
C TYR B 12 18.24 -1.61 -65.85
N MET B 13 18.34 -0.27 -65.83
CA MET B 13 19.50 0.54 -66.21
C MET B 13 19.64 1.83 -65.34
N ASP B 14 20.86 2.43 -65.34
CA ASP B 14 21.29 3.65 -64.64
C ASP B 14 21.25 3.49 -63.10
N LEU B 15 22.01 2.50 -62.61
CA LEU B 15 22.14 2.17 -61.19
C LEU B 15 22.97 3.23 -60.44
N LYS B 16 22.45 3.70 -59.30
CA LYS B 16 23.09 4.70 -58.43
C LYS B 16 22.95 4.24 -56.97
N PRO B 17 23.97 4.48 -56.11
CA PRO B 17 23.89 3.99 -54.72
C PRO B 17 22.83 4.63 -53.85
N LEU B 18 22.27 3.84 -52.89
CA LEU B 18 21.28 4.29 -51.90
C LEU B 18 21.63 3.89 -50.45
N GLY B 19 22.72 3.12 -50.26
CA GLY B 19 23.21 2.71 -48.94
C GLY B 19 23.12 1.24 -48.63
N CYS B 20 23.19 0.87 -47.32
CA CYS B 20 23.12 -0.53 -46.88
C CYS B 20 21.93 -0.82 -45.94
N GLY B 21 20.97 -1.56 -46.48
CA GLY B 21 19.77 -1.97 -45.77
C GLY B 21 19.97 -3.17 -44.87
N GLY B 22 18.88 -3.54 -44.18
CA GLY B 22 18.80 -4.66 -43.24
C GLY B 22 19.38 -6.00 -43.68
N ASN B 23 19.31 -6.34 -44.99
CA ASN B 23 19.84 -7.62 -45.48
C ASN B 23 20.77 -7.51 -46.72
N GLY B 24 21.08 -6.29 -47.15
CA GLY B 24 21.95 -6.05 -48.31
C GLY B 24 21.98 -4.63 -48.82
N LEU B 25 22.62 -4.41 -49.99
CA LEU B 25 22.73 -3.10 -50.64
C LEU B 25 21.46 -2.66 -51.38
N VAL B 26 21.18 -1.34 -51.34
CA VAL B 26 20.04 -0.74 -52.05
C VAL B 26 20.54 0.25 -53.14
N PHE B 27 20.02 0.06 -54.38
CA PHE B 27 20.32 0.87 -55.57
C PHE B 27 19.06 1.44 -56.19
N SER B 28 19.20 2.59 -56.83
CA SER B 28 18.14 3.26 -57.58
C SER B 28 18.38 2.87 -59.03
N ALA B 29 17.31 2.55 -59.76
CA ALA B 29 17.38 2.10 -61.14
C ALA B 29 16.22 2.66 -61.95
N VAL B 30 16.23 2.46 -63.28
CA VAL B 30 15.16 2.90 -64.19
C VAL B 30 14.71 1.68 -65.00
N ASP B 31 13.41 1.33 -64.89
CA ASP B 31 12.81 0.21 -65.63
C ASP B 31 12.46 0.74 -67.03
N ASN B 32 13.31 0.45 -68.04
CA ASN B 32 13.13 0.89 -69.43
C ASN B 32 11.79 0.45 -70.07
N ASP B 33 11.05 -0.42 -69.35
CA ASP B 33 9.73 -0.95 -69.72
C ASP B 33 8.59 0.02 -69.33
N CYS B 34 8.81 0.87 -68.32
CA CYS B 34 7.84 1.85 -67.82
C CYS B 34 8.39 3.27 -67.83
N ASP B 35 9.73 3.41 -67.84
CA ASP B 35 10.54 4.63 -67.71
C ASP B 35 10.39 5.24 -66.29
N LYS B 36 9.86 4.43 -65.34
CA LYS B 36 9.68 4.77 -63.94
C LYS B 36 10.95 4.41 -63.18
N ARG B 37 11.29 5.19 -62.14
CA ARG B 37 12.44 4.93 -61.29
C ARG B 37 12.04 3.88 -60.22
N VAL B 38 12.95 2.92 -59.93
CA VAL B 38 12.71 1.83 -58.95
C VAL B 38 13.81 1.76 -57.89
N ALA B 39 13.56 1.05 -56.80
CA ALA B 39 14.59 0.86 -55.78
C ALA B 39 14.83 -0.64 -55.65
N ILE B 40 16.00 -1.12 -56.10
CA ILE B 40 16.38 -2.52 -56.06
C ILE B 40 17.34 -2.86 -54.90
N LYS B 41 16.93 -3.78 -54.01
CA LYS B 41 17.74 -4.32 -52.91
C LYS B 41 18.40 -5.62 -53.41
N LYS B 42 19.73 -5.76 -53.17
CA LYS B 42 20.53 -6.93 -53.56
C LYS B 42 20.99 -7.71 -52.35
N ILE B 43 20.39 -8.89 -52.17
CA ILE B 43 20.72 -9.80 -51.09
C ILE B 43 21.67 -10.88 -51.63
N VAL B 44 22.93 -10.86 -51.16
CA VAL B 44 23.93 -11.84 -51.60
C VAL B 44 23.80 -13.08 -50.72
N LEU B 45 23.56 -14.24 -51.36
CA LEU B 45 23.34 -15.53 -50.69
C LEU B 45 24.64 -16.31 -50.59
N THR B 46 25.57 -15.77 -49.78
CA THR B 46 26.92 -16.30 -49.52
C THR B 46 26.92 -17.57 -48.64
N ASP B 47 26.14 -17.56 -47.54
CA ASP B 47 26.08 -18.63 -46.54
C ASP B 47 24.62 -18.92 -46.05
N PRO B 48 24.40 -20.02 -45.26
CA PRO B 48 23.06 -20.32 -44.75
C PRO B 48 22.36 -19.26 -43.88
N GLN B 49 23.11 -18.35 -43.21
CA GLN B 49 22.47 -17.27 -42.44
C GLN B 49 21.72 -16.32 -43.35
N SER B 50 22.37 -15.85 -44.43
CA SER B 50 21.77 -14.94 -45.40
C SER B 50 20.62 -15.60 -46.15
N VAL B 51 20.67 -16.94 -46.37
CA VAL B 51 19.58 -17.69 -47.02
C VAL B 51 18.34 -17.74 -46.09
N LYS B 52 18.56 -17.98 -44.78
CA LYS B 52 17.52 -18.02 -43.76
C LYS B 52 16.86 -16.62 -43.60
N HIS B 53 17.63 -15.53 -43.69
CA HIS B 53 17.09 -14.17 -43.60
C HIS B 53 16.44 -13.67 -44.90
N ALA B 54 16.97 -14.07 -46.07
CA ALA B 54 16.39 -13.69 -47.37
C ALA B 54 15.03 -14.32 -47.50
N LEU B 55 14.90 -15.63 -47.17
CA LEU B 55 13.62 -16.34 -47.19
C LEU B 55 12.64 -15.77 -46.15
N ARG B 56 13.15 -15.28 -45.01
CA ARG B 56 12.35 -14.63 -43.96
C ARG B 56 11.76 -13.31 -44.47
N GLU B 57 12.61 -12.42 -45.06
CA GLU B 57 12.26 -11.11 -45.58
C GLU B 57 11.28 -11.21 -46.73
N ILE B 58 11.53 -12.18 -47.65
CA ILE B 58 10.71 -12.46 -48.84
C ILE B 58 9.31 -12.93 -48.43
N LYS B 59 9.20 -13.84 -47.43
CA LYS B 59 7.96 -14.39 -46.87
C LYS B 59 7.12 -13.29 -46.23
N ILE B 60 7.80 -12.29 -45.64
CA ILE B 60 7.20 -11.12 -44.99
C ILE B 60 6.69 -10.12 -46.03
N ILE B 61 7.57 -9.55 -46.88
CA ILE B 61 7.25 -8.50 -47.85
C ILE B 61 6.27 -8.95 -48.97
N ARG B 62 6.19 -10.26 -49.26
CA ARG B 62 5.24 -10.77 -50.25
C ARG B 62 3.83 -10.75 -49.66
N ARG B 63 3.68 -11.17 -48.38
CA ARG B 63 2.40 -11.22 -47.67
C ARG B 63 1.84 -9.83 -47.24
N LEU B 64 2.56 -8.74 -47.56
CA LEU B 64 2.09 -7.41 -47.13
C LEU B 64 1.72 -6.49 -48.25
N ASP B 65 0.50 -5.98 -48.19
CA ASP B 65 -0.03 -5.05 -49.17
C ASP B 65 -0.83 -3.98 -48.46
N HIS B 66 -0.20 -2.80 -48.29
CA HIS B 66 -0.82 -1.66 -47.62
C HIS B 66 -0.35 -0.35 -48.22
N ASP B 67 -1.22 0.68 -48.18
CA ASP B 67 -0.96 2.03 -48.65
C ASP B 67 0.22 2.68 -47.92
N ASN B 68 0.46 2.28 -46.64
CA ASN B 68 1.53 2.82 -45.79
C ASN B 68 2.70 1.85 -45.55
N ILE B 69 2.99 1.01 -46.55
CA ILE B 69 4.08 0.02 -46.57
C ILE B 69 4.67 0.16 -47.98
N VAL B 70 5.99 0.25 -48.13
CA VAL B 70 6.66 0.36 -49.43
C VAL B 70 6.23 -0.85 -50.31
N LYS B 71 5.72 -0.60 -51.52
CA LYS B 71 5.23 -1.65 -52.43
C LYS B 71 6.34 -2.41 -53.14
N VAL B 72 6.29 -3.75 -53.05
CA VAL B 72 7.23 -4.67 -53.70
C VAL B 72 6.60 -5.10 -55.03
N PHE B 73 7.31 -4.84 -56.14
CA PHE B 73 6.83 -5.18 -57.49
C PHE B 73 7.20 -6.60 -57.90
N GLU B 74 8.49 -6.98 -57.81
CA GLU B 74 8.92 -8.33 -58.18
C GLU B 74 10.22 -8.77 -57.51
N ILE B 75 10.32 -10.10 -57.22
CA ILE B 75 11.51 -10.76 -56.66
C ILE B 75 12.22 -11.45 -57.85
N LEU B 76 13.44 -10.96 -58.15
CA LEU B 76 14.22 -11.36 -59.30
C LEU B 76 15.49 -12.15 -58.95
N GLY B 77 15.84 -13.08 -59.84
CA GLY B 77 17.05 -13.89 -59.75
C GLY B 77 18.24 -13.11 -60.29
N PRO B 78 19.47 -13.68 -60.25
CA PRO B 78 20.64 -12.95 -60.78
C PRO B 78 20.56 -12.64 -62.28
N SER B 79 19.77 -13.44 -63.01
CA SER B 79 19.52 -13.31 -64.44
C SER B 79 18.47 -12.24 -64.77
N GLY B 80 17.63 -11.91 -63.80
CA GLY B 80 16.56 -10.90 -63.96
C GLY B 80 15.19 -11.50 -64.21
N SER B 81 14.99 -12.77 -63.83
CA SER B 81 13.73 -13.49 -64.01
C SER B 81 12.97 -13.65 -62.69
N GLN B 82 11.63 -13.51 -62.74
CA GLN B 82 10.72 -13.66 -61.59
C GLN B 82 10.81 -15.10 -61.04
N LEU B 83 10.80 -15.24 -59.70
CA LEU B 83 10.93 -16.52 -59.01
C LEU B 83 9.59 -17.16 -58.62
N THR B 84 9.63 -18.29 -57.87
CA THR B 84 8.48 -19.06 -57.42
C THR B 84 8.35 -18.95 -55.89
N THR B 91 15.55 -23.16 -53.90
CA THR B 91 16.06 -21.96 -54.59
C THR B 91 17.55 -21.66 -54.18
N GLU B 92 18.50 -22.37 -54.86
CA GLU B 92 19.96 -22.30 -54.68
C GLU B 92 20.61 -21.33 -55.69
N LEU B 93 20.55 -20.01 -55.38
CA LEU B 93 21.10 -18.94 -56.24
C LEU B 93 22.20 -18.14 -55.52
N ASN B 94 23.04 -17.41 -56.30
CA ASN B 94 24.14 -16.59 -55.76
C ASN B 94 23.66 -15.33 -55.04
N SER B 95 22.71 -14.60 -55.65
CA SER B 95 22.10 -13.39 -55.10
C SER B 95 20.63 -13.28 -55.55
N VAL B 96 19.85 -12.47 -54.84
CA VAL B 96 18.44 -12.23 -55.15
C VAL B 96 18.17 -10.71 -55.12
N TYR B 97 17.38 -10.23 -56.07
CA TYR B 97 17.02 -8.81 -56.20
C TYR B 97 15.59 -8.57 -55.80
N ILE B 98 15.33 -7.46 -55.10
CA ILE B 98 13.97 -7.08 -54.71
C ILE B 98 13.65 -5.69 -55.30
N VAL B 99 12.76 -5.66 -56.31
CA VAL B 99 12.34 -4.44 -57.02
C VAL B 99 11.16 -3.83 -56.28
N GLN B 100 11.37 -2.61 -55.82
CA GLN B 100 10.40 -1.87 -55.04
C GLN B 100 10.15 -0.53 -55.67
N GLU B 101 9.13 0.15 -55.13
CA GLU B 101 8.80 1.49 -55.56
C GLU B 101 9.86 2.44 -55.04
N TYR B 102 10.24 3.37 -55.89
CA TYR B 102 11.20 4.37 -55.51
C TYR B 102 10.47 5.49 -54.79
N MET B 103 10.93 5.83 -53.59
CA MET B 103 10.36 6.91 -52.79
C MET B 103 11.33 8.06 -52.88
N GLU B 104 10.81 9.31 -52.96
CA GLU B 104 11.59 10.53 -53.12
C GLU B 104 12.71 10.69 -52.05
N THR B 105 12.36 10.51 -50.77
CA THR B 105 13.32 10.66 -49.67
C THR B 105 12.92 9.75 -48.47
N ASP B 106 13.53 10.00 -47.30
CA ASP B 106 13.18 9.34 -46.05
C ASP B 106 13.09 10.38 -44.94
N LEU B 107 12.46 10.01 -43.83
CA LEU B 107 12.21 10.93 -42.73
C LEU B 107 13.49 11.50 -42.12
N ALA B 108 14.57 10.70 -42.00
CA ALA B 108 15.87 11.14 -41.49
C ALA B 108 16.43 12.31 -42.32
N ASN B 109 16.36 12.24 -43.66
CA ASN B 109 16.82 13.30 -44.53
C ASN B 109 15.95 14.57 -44.37
N VAL B 110 14.63 14.37 -44.16
CA VAL B 110 13.66 15.46 -43.98
C VAL B 110 13.94 16.22 -42.67
N LEU B 111 14.12 15.50 -41.56
CA LEU B 111 14.37 16.10 -40.25
C LEU B 111 15.77 16.72 -40.10
N GLU B 112 16.73 16.34 -40.96
CA GLU B 112 18.10 16.87 -41.01
C GLU B 112 18.03 18.37 -41.38
N GLN B 113 16.91 18.79 -41.98
CA GLN B 113 16.62 20.13 -42.44
C GLN B 113 15.79 20.94 -41.44
N GLY B 114 15.45 20.34 -40.30
CA GLY B 114 14.71 21.00 -39.22
C GLY B 114 13.43 20.30 -38.78
N PRO B 115 12.73 20.85 -37.77
CA PRO B 115 11.45 20.22 -37.34
C PRO B 115 10.28 20.45 -38.32
N LEU B 116 9.20 19.68 -38.13
CA LEU B 116 8.01 19.78 -38.99
C LEU B 116 6.90 20.56 -38.31
N LEU B 117 5.97 21.10 -39.12
CA LEU B 117 4.77 21.74 -38.60
C LEU B 117 3.97 20.61 -37.91
N GLU B 118 3.29 20.91 -36.78
CA GLU B 118 2.49 19.91 -36.06
C GLU B 118 1.49 19.18 -36.98
N GLU B 119 0.91 19.91 -37.99
CA GLU B 119 -0.02 19.36 -38.96
C GLU B 119 0.63 18.25 -39.79
N HIS B 120 1.93 18.41 -40.15
CA HIS B 120 2.69 17.42 -40.91
C HIS B 120 3.16 16.26 -40.06
N ALA B 121 3.59 16.55 -38.83
CA ALA B 121 4.03 15.52 -37.89
C ALA B 121 2.86 14.60 -37.56
N ARG B 122 1.64 15.18 -37.35
CA ARG B 122 0.38 14.49 -37.03
C ARG B 122 -0.11 13.59 -38.19
N LEU B 123 -0.03 14.10 -39.42
CA LEU B 123 -0.40 13.39 -40.64
C LEU B 123 0.56 12.19 -40.86
N PHE B 124 1.88 12.38 -40.66
CA PHE B 124 2.89 11.33 -40.79
C PHE B 124 2.76 10.25 -39.70
N MET B 125 2.38 10.66 -38.48
CA MET B 125 2.15 9.76 -37.34
C MET B 125 0.95 8.86 -37.63
N TYR B 126 -0.13 9.42 -38.23
CA TYR B 126 -1.33 8.69 -38.62
C TYR B 126 -0.98 7.56 -39.60
N GLN B 127 -0.18 7.94 -40.62
CA GLN B 127 0.33 7.10 -41.69
C GLN B 127 1.21 5.99 -41.17
N LEU B 128 2.10 6.28 -40.20
CA LEU B 128 3.00 5.34 -39.52
C LEU B 128 2.17 4.34 -38.69
N LEU B 129 1.19 4.84 -37.89
CA LEU B 129 0.32 4.00 -37.05
C LEU B 129 -0.55 3.07 -37.86
N ARG B 130 -1.07 3.54 -39.04
CA ARG B 130 -1.89 2.74 -39.97
C ARG B 130 -1.06 1.55 -40.49
N GLY B 131 0.20 1.82 -40.84
CA GLY B 131 1.17 0.81 -41.27
C GLY B 131 1.51 -0.20 -40.19
N LEU B 132 1.70 0.25 -38.91
CA LEU B 132 2.00 -0.62 -37.77
C LEU B 132 0.79 -1.50 -37.43
N LYS B 133 -0.43 -0.91 -37.43
CA LYS B 133 -1.65 -1.65 -37.14
C LYS B 133 -1.80 -2.82 -38.13
N TYR B 134 -1.41 -2.59 -39.40
CA TYR B 134 -1.48 -3.60 -40.43
C TYR B 134 -0.44 -4.72 -40.23
N ILE B 135 0.85 -4.35 -40.03
CA ILE B 135 1.94 -5.32 -39.84
C ILE B 135 1.71 -6.14 -38.57
N HIS B 136 1.26 -5.48 -37.48
CA HIS B 136 0.98 -6.17 -36.21
C HIS B 136 -0.18 -7.14 -36.28
N SER B 137 -1.20 -6.86 -37.11
CA SER B 137 -2.36 -7.74 -37.31
C SER B 137 -1.97 -9.05 -38.02
N ALA B 138 -0.83 -9.02 -38.75
CA ALA B 138 -0.25 -10.15 -39.49
C ALA B 138 0.85 -10.81 -38.61
N ASN B 139 0.92 -10.39 -37.32
CA ASN B 139 1.87 -10.85 -36.28
C ASN B 139 3.35 -10.61 -36.64
N VAL B 140 3.62 -9.58 -37.47
CA VAL B 140 4.95 -9.16 -37.92
C VAL B 140 5.39 -8.03 -37.02
N LEU B 141 6.69 -8.04 -36.66
CA LEU B 141 7.39 -7.03 -35.87
C LEU B 141 8.44 -6.43 -36.76
N HIS B 142 8.43 -5.09 -36.94
CA HIS B 142 9.44 -4.39 -37.75
C HIS B 142 10.82 -4.50 -37.08
N ARG B 143 10.93 -4.11 -35.78
CA ARG B 143 12.12 -4.20 -34.88
C ARG B 143 13.26 -3.21 -35.19
N ASP B 144 13.20 -2.44 -36.28
CA ASP B 144 14.18 -1.43 -36.66
C ASP B 144 13.46 -0.14 -37.08
N LEU B 145 12.47 0.29 -36.27
CA LEU B 145 11.71 1.51 -36.54
C LEU B 145 12.54 2.73 -36.17
N LYS B 146 12.83 3.54 -37.17
CA LYS B 146 13.63 4.74 -36.99
C LYS B 146 13.35 5.64 -38.19
N PRO B 147 13.58 6.98 -38.09
CA PRO B 147 13.32 7.87 -39.25
C PRO B 147 13.94 7.47 -40.59
N ALA B 148 15.12 6.84 -40.59
CA ALA B 148 15.79 6.37 -41.82
C ALA B 148 15.00 5.30 -42.59
N ASN B 149 14.10 4.55 -41.90
CA ASN B 149 13.28 3.48 -42.48
C ASN B 149 11.84 3.93 -42.79
N LEU B 150 11.60 5.24 -42.72
CA LEU B 150 10.30 5.82 -43.00
C LEU B 150 10.46 6.62 -44.28
N PHE B 151 9.87 6.15 -45.37
CA PHE B 151 10.05 6.75 -46.69
C PHE B 151 8.94 7.71 -47.06
N ILE B 152 9.32 8.86 -47.67
CA ILE B 152 8.42 9.96 -48.03
C ILE B 152 8.44 10.36 -49.48
N ASN B 153 7.25 10.78 -49.98
CA ASN B 153 7.00 11.40 -51.28
C ASN B 153 6.44 12.76 -50.86
N THR B 154 7.26 13.81 -50.94
CA THR B 154 6.95 15.14 -50.41
C THR B 154 5.78 15.84 -51.10
N GLU B 155 5.49 15.57 -52.40
CA GLU B 155 4.35 16.23 -53.06
C GLU B 155 3.05 15.80 -52.41
N ASP B 156 2.80 14.46 -52.34
CA ASP B 156 1.55 13.93 -51.82
C ASP B 156 1.50 13.84 -50.29
N LEU B 157 2.67 14.05 -49.63
CA LEU B 157 2.90 13.94 -48.18
C LEU B 157 2.56 12.56 -47.70
N VAL B 158 3.03 11.55 -48.45
CA VAL B 158 2.83 10.13 -48.20
C VAL B 158 4.03 9.55 -47.46
N LEU B 159 3.74 8.82 -46.37
CA LEU B 159 4.73 8.10 -45.57
C LEU B 159 4.48 6.61 -45.75
N LYS B 160 5.59 5.87 -45.95
CA LYS B 160 5.56 4.42 -46.06
C LYS B 160 6.70 3.75 -45.26
N ILE B 161 6.35 2.70 -44.53
CA ILE B 161 7.33 1.93 -43.76
C ILE B 161 8.07 1.03 -44.74
N GLY B 162 9.38 1.03 -44.61
CA GLY B 162 10.22 0.21 -45.45
C GLY B 162 11.28 -0.50 -44.66
N ASP B 163 12.23 -1.09 -45.42
CA ASP B 163 13.36 -1.88 -44.93
CA ASP B 163 13.36 -1.88 -44.93
C ASP B 163 12.92 -2.88 -43.84
N PHE B 164 12.36 -3.99 -44.29
CA PHE B 164 11.91 -5.11 -43.48
C PHE B 164 13.04 -6.16 -43.29
N GLY B 165 14.29 -5.71 -43.44
CA GLY B 165 15.48 -6.53 -43.28
C GLY B 165 15.65 -7.15 -41.91
N LEU B 166 15.17 -6.44 -40.86
CA LEU B 166 15.25 -6.93 -39.49
C LEU B 166 13.88 -7.42 -38.93
N ALA B 167 12.82 -7.45 -39.79
CA ALA B 167 11.47 -7.90 -39.43
C ALA B 167 11.37 -9.40 -39.19
N ARG B 168 10.47 -9.79 -38.27
CA ARG B 168 10.27 -11.17 -37.83
C ARG B 168 8.78 -11.44 -37.48
N ILE B 169 8.32 -12.68 -37.68
CA ILE B 169 6.95 -13.08 -37.32
C ILE B 169 6.96 -13.62 -35.88
N MET B 170 6.06 -13.11 -35.01
CA MET B 170 5.93 -13.54 -33.61
C MET B 170 5.71 -15.07 -33.50
N ASP B 171 6.61 -15.75 -32.75
CA ASP B 171 6.58 -17.21 -32.57
C ASP B 171 7.18 -17.63 -31.19
N PRO B 172 6.52 -18.58 -30.45
CA PRO B 172 7.07 -19.01 -29.16
C PRO B 172 8.13 -20.10 -29.28
N HIS B 179 21.67 -9.90 -33.21
CA HIS B 179 22.67 -10.82 -32.64
C HIS B 179 24.13 -10.46 -33.05
N LEU B 180 24.44 -10.40 -34.38
CA LEU B 180 25.74 -9.93 -34.91
C LEU B 180 25.51 -8.47 -35.37
N SER B 181 26.58 -7.63 -35.38
CA SER B 181 26.53 -6.18 -35.69
C SER B 181 25.66 -5.40 -34.72
N GLU B 182 25.60 -5.87 -33.45
CA GLU B 182 24.86 -5.27 -32.32
C GLU B 182 25.20 -3.80 -32.08
N GLY B 183 26.49 -3.44 -32.17
CA GLY B 183 27.01 -2.10 -32.02
C GLY B 183 26.66 -1.14 -33.14
N LEU B 184 26.14 -1.66 -34.26
CA LEU B 184 25.70 -0.85 -35.40
C LEU B 184 24.16 -0.58 -35.36
N VAL B 185 23.45 -1.32 -34.50
CA VAL B 185 21.98 -1.17 -34.33
C VAL B 185 21.74 0.10 -33.49
N THR B 186 20.85 0.97 -33.96
CA THR B 186 20.52 2.21 -33.25
C THR B 186 19.85 1.94 -31.85
N LYS B 187 20.36 2.59 -30.78
CA LYS B 187 19.85 2.43 -29.41
C LYS B 187 18.76 3.46 -28.95
N TRP B 188 18.74 4.65 -29.57
CA TRP B 188 17.84 5.77 -29.34
C TRP B 188 16.33 5.53 -29.34
N TYR B 189 15.83 4.52 -30.09
CA TYR B 189 14.39 4.25 -30.17
C TYR B 189 13.98 3.00 -29.38
N ARG B 190 14.87 2.53 -28.46
CA ARG B 190 14.71 1.38 -27.55
C ARG B 190 13.95 1.74 -26.29
N SER B 191 12.96 0.90 -25.97
CA SER B 191 12.07 1.06 -24.83
C SER B 191 12.76 0.72 -23.53
N PRO B 192 12.36 1.32 -22.36
CA PRO B 192 13.00 0.92 -21.08
C PRO B 192 13.09 -0.58 -20.88
N ARG B 193 12.04 -1.34 -21.28
CA ARG B 193 11.97 -2.80 -21.21
C ARG B 193 13.03 -3.48 -22.07
N LEU B 194 13.21 -3.01 -23.32
CA LEU B 194 14.21 -3.55 -24.25
C LEU B 194 15.63 -3.27 -23.73
N LEU B 195 15.83 -2.20 -22.95
CA LEU B 195 17.14 -1.92 -22.38
C LEU B 195 17.44 -2.90 -21.24
N LEU B 196 16.40 -3.33 -20.47
CA LEU B 196 16.49 -4.28 -19.36
C LEU B 196 16.50 -5.75 -19.82
N SER B 197 15.79 -6.08 -20.93
CA SER B 197 15.71 -7.41 -21.54
C SER B 197 16.05 -7.22 -23.02
N PRO B 198 17.36 -7.26 -23.38
CA PRO B 198 17.80 -6.86 -24.72
C PRO B 198 17.39 -7.69 -25.94
N ASN B 199 17.03 -8.96 -25.77
CA ASN B 199 16.69 -9.74 -26.96
C ASN B 199 15.20 -10.06 -27.11
N ASN B 200 14.35 -9.43 -26.27
CA ASN B 200 12.90 -9.64 -26.26
C ASN B 200 12.18 -8.51 -27.02
N TYR B 201 11.71 -8.81 -28.24
CA TYR B 201 10.98 -7.89 -29.12
C TYR B 201 9.48 -8.20 -29.08
N THR B 202 8.66 -7.13 -28.92
CA THR B 202 7.20 -7.22 -28.85
C THR B 202 6.59 -6.09 -29.68
N LYS B 203 5.24 -6.11 -29.86
CA LYS B 203 4.50 -5.06 -30.57
C LYS B 203 4.69 -3.70 -29.83
N ALA B 204 4.65 -3.72 -28.48
CA ALA B 204 4.80 -2.56 -27.62
C ALA B 204 6.12 -1.83 -27.83
N ILE B 205 7.17 -2.57 -28.18
CA ILE B 205 8.48 -2.02 -28.47
C ILE B 205 8.46 -1.18 -29.78
N ASP B 206 7.68 -1.60 -30.80
CA ASP B 206 7.49 -0.84 -32.04
C ASP B 206 6.78 0.47 -31.73
N MET B 207 5.80 0.41 -30.79
CA MET B 207 5.01 1.55 -30.35
C MET B 207 5.82 2.61 -29.63
N TRP B 208 6.80 2.19 -28.76
CA TRP B 208 7.69 3.12 -28.06
C TRP B 208 8.50 3.90 -29.09
N ALA B 209 9.03 3.21 -30.10
CA ALA B 209 9.83 3.79 -31.19
C ALA B 209 9.00 4.79 -31.99
N ALA B 210 7.72 4.48 -32.27
CA ALA B 210 6.80 5.40 -32.96
C ALA B 210 6.59 6.72 -32.16
N GLY B 211 6.53 6.64 -30.83
CA GLY B 211 6.40 7.82 -29.96
C GLY B 211 7.61 8.71 -30.05
N CYS B 212 8.82 8.10 -30.02
CA CYS B 212 10.14 8.74 -30.14
C CYS B 212 10.28 9.46 -31.48
N ILE B 213 9.82 8.83 -32.57
CA ILE B 213 9.87 9.40 -33.93
C ILE B 213 8.91 10.60 -34.02
N PHE B 214 7.73 10.49 -33.40
CA PHE B 214 6.73 11.57 -33.35
C PHE B 214 7.31 12.81 -32.68
N ALA B 215 7.99 12.64 -31.53
CA ALA B 215 8.67 13.70 -30.79
C ALA B 215 9.80 14.32 -31.61
N GLU B 216 10.53 13.50 -32.37
CA GLU B 216 11.63 13.95 -33.24
C GLU B 216 11.11 14.77 -34.42
N MET B 217 9.91 14.45 -34.93
CA MET B 217 9.30 15.21 -36.03
C MET B 217 8.91 16.60 -35.53
N LEU B 218 8.36 16.66 -34.30
CA LEU B 218 7.92 17.90 -33.65
C LEU B 218 9.04 18.85 -33.26
N THR B 219 10.17 18.33 -32.74
CA THR B 219 11.32 19.12 -32.25
C THR B 219 12.51 19.23 -33.22
N GLY B 220 12.69 18.24 -34.08
CA GLY B 220 13.80 18.21 -35.01
C GLY B 220 15.08 17.66 -34.42
N LYS B 221 15.00 17.09 -33.20
CA LYS B 221 16.14 16.47 -32.51
C LYS B 221 15.74 15.17 -31.81
N THR B 222 16.70 14.23 -31.64
CA THR B 222 16.49 12.93 -30.96
C THR B 222 15.99 13.18 -29.53
N LEU B 223 14.84 12.56 -29.16
CA LEU B 223 14.25 12.71 -27.84
C LEU B 223 15.20 12.24 -26.74
N PHE B 224 15.70 10.98 -26.84
CA PHE B 224 16.64 10.43 -25.87
C PHE B 224 17.89 9.92 -26.61
N ALA B 225 18.93 10.77 -26.67
CA ALA B 225 20.18 10.47 -27.38
C ALA B 225 21.32 10.02 -26.46
N GLY B 226 21.21 8.81 -25.94
CA GLY B 226 22.20 8.20 -25.06
C GLY B 226 23.17 7.33 -25.82
N ALA B 227 24.47 7.45 -25.46
CA ALA B 227 25.60 6.73 -26.03
C ALA B 227 25.61 5.25 -25.64
N HIS B 228 25.22 4.95 -24.38
CA HIS B 228 25.19 3.59 -23.85
C HIS B 228 23.84 3.27 -23.24
N GLU B 229 23.55 1.97 -22.99
CA GLU B 229 22.31 1.46 -22.39
C GLU B 229 21.95 2.17 -21.07
N LEU B 230 22.95 2.44 -20.20
CA LEU B 230 22.74 3.14 -18.92
C LEU B 230 22.41 4.62 -19.11
N GLU B 231 23.16 5.35 -19.97
CA GLU B 231 22.94 6.78 -20.28
C GLU B 231 21.54 6.99 -20.86
N GLN B 232 21.09 6.07 -21.73
CA GLN B 232 19.77 6.02 -22.35
C GLN B 232 18.68 5.87 -21.26
N MET B 233 18.90 4.98 -20.26
CA MET B 233 17.98 4.73 -19.14
C MET B 233 17.85 5.95 -18.24
N GLN B 234 18.98 6.61 -17.96
CA GLN B 234 19.04 7.82 -17.13
C GLN B 234 18.33 9.00 -17.77
N LEU B 235 18.37 9.10 -19.14
CA LEU B 235 17.72 10.16 -19.89
C LEU B 235 16.22 9.98 -19.90
N ILE B 236 15.76 8.71 -20.01
CA ILE B 236 14.32 8.35 -20.00
C ILE B 236 13.75 8.70 -18.60
N LEU B 237 14.43 8.26 -17.53
CA LEU B 237 14.01 8.46 -16.15
C LEU B 237 13.94 9.93 -15.72
N GLU B 238 14.59 10.84 -16.46
CA GLU B 238 14.57 12.29 -16.20
C GLU B 238 13.26 12.90 -16.73
N SER B 239 12.55 12.18 -17.64
CA SER B 239 11.34 12.67 -18.29
C SER B 239 10.09 11.80 -18.14
N ILE B 240 10.25 10.48 -17.98
CA ILE B 240 9.15 9.51 -17.96
C ILE B 240 8.89 9.02 -16.54
N PRO B 241 7.62 9.13 -16.06
CA PRO B 241 7.33 8.64 -14.70
C PRO B 241 7.28 7.11 -14.60
N VAL B 242 7.65 6.58 -13.44
CA VAL B 242 7.58 5.14 -13.14
C VAL B 242 6.36 5.06 -12.24
N VAL B 243 5.25 4.53 -12.76
CA VAL B 243 4.01 4.50 -11.99
C VAL B 243 3.77 3.16 -11.28
N HIS B 244 4.47 2.09 -11.68
CA HIS B 244 4.31 0.77 -11.07
C HIS B 244 5.44 0.39 -10.12
N GLU B 245 5.10 -0.31 -9.03
CA GLU B 245 6.05 -0.76 -8.02
C GLU B 245 6.94 -1.91 -8.57
N GLU B 246 6.40 -2.74 -9.48
CA GLU B 246 7.11 -3.82 -10.16
C GLU B 246 8.26 -3.25 -11.01
N ASP B 247 8.02 -2.13 -11.73
CA ASP B 247 9.06 -1.42 -12.53
C ASP B 247 10.08 -0.74 -11.60
N ARG B 248 9.59 -0.18 -10.49
CA ARG B 248 10.43 0.49 -9.50
C ARG B 248 11.37 -0.49 -8.78
N GLN B 249 10.86 -1.71 -8.48
CA GLN B 249 11.61 -2.77 -7.82
C GLN B 249 12.71 -3.31 -8.72
N GLU B 250 12.42 -3.42 -10.02
CA GLU B 250 13.38 -3.88 -11.03
C GLU B 250 14.53 -2.87 -11.18
N LEU B 251 14.19 -1.56 -11.22
CA LEU B 251 15.14 -0.44 -11.33
C LEU B 251 16.06 -0.33 -10.12
N LEU B 252 15.57 -0.70 -8.92
CA LEU B 252 16.39 -0.66 -7.69
C LEU B 252 17.46 -1.77 -7.69
N SER B 253 17.24 -2.84 -8.47
CA SER B 253 18.15 -4.00 -8.60
C SER B 253 19.16 -3.82 -9.76
N VAL B 254 19.05 -2.74 -10.55
CA VAL B 254 19.91 -2.47 -11.70
C VAL B 254 20.63 -1.11 -11.52
N ILE B 255 19.87 -0.05 -11.18
CA ILE B 255 20.43 1.28 -10.94
C ILE B 255 19.86 1.87 -9.65
N PRO B 256 20.45 1.52 -8.48
CA PRO B 256 19.91 2.01 -7.20
C PRO B 256 19.96 3.55 -7.01
N VAL B 257 20.69 4.28 -7.90
CA VAL B 257 20.77 5.76 -7.92
C VAL B 257 19.66 6.26 -8.86
N MET B 263 9.26 8.57 -8.03
CA MET B 263 9.48 8.32 -9.45
C MET B 263 8.30 8.78 -10.30
N THR B 264 7.21 9.20 -9.64
CA THR B 264 5.94 9.64 -10.22
C THR B 264 6.06 11.04 -10.86
N GLU B 265 7.01 11.87 -10.41
CA GLU B 265 7.26 13.22 -10.95
C GLU B 265 8.72 13.40 -11.46
N PRO B 266 8.96 13.26 -12.79
CA PRO B 266 10.32 13.45 -13.31
C PRO B 266 10.75 14.92 -13.31
N HIS B 267 12.09 15.19 -13.18
CA HIS B 267 12.68 16.54 -13.14
CA HIS B 267 12.52 16.58 -13.09
C HIS B 267 12.44 17.33 -14.43
N LYS B 268 12.55 16.67 -15.59
CA LYS B 268 12.37 17.38 -16.85
C LYS B 268 11.28 16.66 -17.70
N PRO B 269 9.96 16.87 -17.39
CA PRO B 269 8.91 16.14 -18.13
C PRO B 269 8.78 16.50 -19.61
N LEU B 270 8.02 15.68 -20.37
CA LEU B 270 7.79 15.87 -21.81
C LEU B 270 7.25 17.28 -22.18
N THR B 271 6.46 17.89 -21.30
CA THR B 271 5.94 19.24 -21.50
C THR B 271 7.12 20.28 -21.61
N GLN B 272 8.24 20.04 -20.89
CA GLN B 272 9.45 20.85 -20.90
C GLN B 272 10.32 20.54 -22.12
N LEU B 273 10.53 19.23 -22.43
CA LEU B 273 11.32 18.79 -23.58
C LEU B 273 10.73 19.17 -24.95
N LEU B 274 9.42 19.42 -24.99
CA LEU B 274 8.73 19.82 -26.21
C LEU B 274 8.08 21.21 -25.98
N PRO B 275 8.86 22.31 -26.04
CA PRO B 275 8.28 23.64 -25.75
C PRO B 275 7.72 24.32 -26.97
N GLY B 276 6.44 24.65 -26.91
CA GLY B 276 5.73 25.29 -28.01
C GLY B 276 4.76 24.39 -28.75
N ILE B 277 4.73 23.09 -28.39
CA ILE B 277 3.83 22.09 -28.98
C ILE B 277 2.51 22.11 -28.21
N SER B 278 1.37 21.92 -28.92
CA SER B 278 0.02 21.89 -28.36
C SER B 278 -0.15 20.86 -27.26
N ARG B 279 -1.03 21.15 -26.28
CA ARG B 279 -1.30 20.27 -25.15
C ARG B 279 -1.87 18.92 -25.59
N GLU B 280 -2.64 18.90 -26.70
CA GLU B 280 -3.25 17.74 -27.34
C GLU B 280 -2.19 16.75 -27.82
N ALA B 281 -1.13 17.28 -28.46
CA ALA B 281 -0.02 16.52 -29.01
C ALA B 281 0.86 15.91 -27.92
N VAL B 282 1.23 16.70 -26.90
CA VAL B 282 2.06 16.24 -25.78
C VAL B 282 1.25 15.23 -24.86
N ASP B 283 -0.12 15.33 -24.78
CA ASP B 283 -0.99 14.39 -24.05
C ASP B 283 -1.08 13.02 -24.75
N PHE B 284 -1.18 13.04 -26.09
CA PHE B 284 -1.17 11.85 -26.92
C PHE B 284 0.20 11.14 -26.74
N LEU B 285 1.30 11.91 -26.74
CA LEU B 285 2.67 11.40 -26.56
C LEU B 285 2.90 10.77 -25.20
N GLU B 286 2.30 11.35 -24.14
CA GLU B 286 2.41 10.84 -22.77
C GLU B 286 1.78 9.45 -22.64
N GLN B 287 0.84 9.11 -23.54
CA GLN B 287 0.12 7.83 -23.58
C GLN B 287 0.86 6.75 -24.33
N ILE B 288 1.88 7.13 -25.14
CA ILE B 288 2.74 6.20 -25.90
C ILE B 288 4.06 6.02 -25.14
N LEU B 289 4.62 7.12 -24.62
CA LEU B 289 5.88 7.08 -23.88
C LEU B 289 5.64 6.83 -22.40
N THR B 290 5.06 5.65 -22.09
CA THR B 290 4.81 5.18 -20.73
C THR B 290 5.94 4.23 -20.46
N PHE B 291 6.46 4.22 -19.23
CA PHE B 291 7.55 3.33 -18.82
C PHE B 291 7.19 1.84 -19.00
N SER B 292 5.98 1.45 -18.63
CA SER B 292 5.47 0.08 -18.74
C SER B 292 4.74 -0.18 -20.08
N PRO B 293 5.00 -1.33 -20.75
CA PRO B 293 4.28 -1.64 -21.98
C PRO B 293 2.80 -1.94 -21.73
N MET B 294 2.46 -2.31 -20.49
CA MET B 294 1.11 -2.63 -20.05
C MET B 294 0.16 -1.43 -20.14
N ASP B 295 0.67 -0.19 -19.97
CA ASP B 295 -0.11 1.07 -20.01
C ASP B 295 -0.09 1.73 -21.38
N ARG B 296 0.93 1.42 -22.21
CA ARG B 296 1.12 1.97 -23.54
C ARG B 296 -0.02 1.64 -24.48
N LEU B 297 -0.42 2.61 -25.33
CA LEU B 297 -1.43 2.40 -26.35
C LEU B 297 -0.86 1.45 -27.40
N THR B 298 -1.72 0.61 -27.98
CA THR B 298 -1.37 -0.27 -29.12
C THR B 298 -1.57 0.62 -30.35
N ALA B 299 -1.15 0.17 -31.57
CA ALA B 299 -1.32 0.92 -32.83
C ALA B 299 -2.80 1.19 -33.08
N GLU B 300 -3.64 0.17 -32.83
CA GLU B 300 -5.10 0.19 -32.95
C GLU B 300 -5.70 1.22 -31.97
N GLU B 301 -5.24 1.23 -30.71
CA GLU B 301 -5.72 2.17 -29.68
C GLU B 301 -5.30 3.59 -29.99
N ALA B 302 -4.03 3.81 -30.44
CA ALA B 302 -3.50 5.12 -30.80
C ALA B 302 -4.28 5.74 -31.96
N LEU B 303 -4.69 4.90 -32.94
CA LEU B 303 -5.48 5.36 -34.08
C LEU B 303 -6.88 5.73 -33.66
N SER B 304 -7.45 5.05 -32.64
CA SER B 304 -8.79 5.31 -32.14
C SER B 304 -8.77 6.50 -31.18
N HIS B 305 -7.57 7.01 -30.78
CA HIS B 305 -7.42 8.18 -29.91
C HIS B 305 -8.00 9.40 -30.65
N PRO B 306 -8.73 10.33 -29.98
CA PRO B 306 -9.33 11.48 -30.71
C PRO B 306 -8.34 12.34 -31.50
N TYR B 307 -7.07 12.38 -31.08
CA TYR B 307 -6.00 13.15 -31.74
C TYR B 307 -5.70 12.57 -33.13
N MET B 308 -5.98 11.28 -33.36
CA MET B 308 -5.77 10.57 -34.61
C MET B 308 -7.05 10.23 -35.39
N SER B 309 -8.15 9.84 -34.71
CA SER B 309 -9.42 9.41 -35.34
C SER B 309 -10.01 10.39 -36.36
N ILE B 310 -9.61 11.66 -36.28
CA ILE B 310 -10.07 12.75 -37.14
C ILE B 310 -9.62 12.58 -38.61
N TYR B 311 -8.59 11.75 -38.86
CA TYR B 311 -8.08 11.49 -40.20
C TYR B 311 -8.84 10.36 -40.97
N SER B 312 -9.80 9.66 -40.33
CA SER B 312 -10.55 8.59 -41.01
C SER B 312 -12.05 8.88 -41.10
N PHE B 313 -12.64 8.81 -42.31
CA PHE B 313 -14.07 9.09 -42.54
C PHE B 313 -15.01 8.14 -41.79
N GLY C 5 14.65 5.35 4.86
CA GLY C 5 14.52 6.08 6.11
C GLY C 5 15.10 7.50 6.08
N PHE C 6 14.36 8.44 6.69
CA PHE C 6 14.67 9.87 6.82
C PHE C 6 15.41 10.16 8.14
N ASP C 7 16.19 11.26 8.22
CA ASP C 7 16.92 11.58 9.45
C ASP C 7 16.53 12.92 10.08
N LEU C 8 15.93 12.83 11.30
CA LEU C 8 15.53 13.98 12.12
C LEU C 8 16.71 14.32 13.04
N GLY C 9 17.30 15.49 12.79
CA GLY C 9 18.48 15.95 13.49
C GLY C 9 19.67 15.14 12.99
N SER C 10 20.41 14.55 13.93
CA SER C 10 21.55 13.68 13.65
C SER C 10 21.42 12.39 14.47
N ARG C 11 20.54 12.44 15.51
CA ARG C 11 20.27 11.38 16.49
C ARG C 11 19.29 10.32 15.99
N TYR C 12 18.14 10.75 15.42
CA TYR C 12 17.09 9.83 14.94
C TYR C 12 17.21 9.55 13.46
N MET C 13 17.51 8.29 13.15
CA MET C 13 17.75 7.75 11.83
C MET C 13 16.63 6.81 11.44
N ASP C 14 16.64 6.34 10.18
CA ASP C 14 15.72 5.39 9.55
C ASP C 14 14.21 5.68 9.80
N LEU C 15 13.80 6.97 9.69
CA LEU C 15 12.40 7.37 9.91
C LEU C 15 11.50 6.75 8.86
N LYS C 16 10.63 5.87 9.31
CA LYS C 16 9.69 5.16 8.46
C LYS C 16 8.26 5.27 9.04
N PRO C 17 7.28 5.82 8.26
CA PRO C 17 5.91 5.98 8.78
C PRO C 17 5.24 4.68 9.16
N LEU C 18 4.29 4.74 10.11
CA LEU C 18 3.55 3.55 10.54
C LEU C 18 2.40 3.13 9.56
N GLY C 19 2.05 4.02 8.62
CA GLY C 19 1.03 3.82 7.59
C GLY C 19 0.77 5.07 6.76
N CYS C 20 -0.52 5.38 6.48
CA CYS C 20 -0.90 6.59 5.74
C CYS C 20 -1.91 7.44 6.52
N GLY C 21 -2.07 8.70 6.11
CA GLY C 21 -2.99 9.63 6.78
C GLY C 21 -2.42 10.09 8.11
N GLY C 22 -3.12 9.77 9.20
CA GLY C 22 -2.70 10.08 10.56
C GLY C 22 -1.53 9.20 10.97
N ASN C 23 -1.61 7.91 10.62
CA ASN C 23 -0.61 6.87 10.82
C ASN C 23 0.73 7.25 10.15
N GLY C 24 0.66 7.93 9.00
CA GLY C 24 1.80 8.42 8.22
C GLY C 24 2.44 9.67 8.78
N LEU C 25 1.94 10.18 9.96
CA LEU C 25 2.46 11.34 10.74
C LEU C 25 3.05 10.86 12.09
N VAL C 26 3.10 9.53 12.27
CA VAL C 26 3.72 8.80 13.38
C VAL C 26 4.75 7.91 12.70
N PHE C 27 5.98 7.96 13.20
CA PHE C 27 7.09 7.26 12.59
C PHE C 27 7.80 6.38 13.57
N SER C 28 8.39 5.30 13.06
CA SER C 28 9.27 4.48 13.87
C SER C 28 10.67 4.99 13.45
N ALA C 29 11.62 5.03 14.38
CA ALA C 29 12.94 5.52 14.03
C ALA C 29 13.97 4.83 14.90
N VAL C 30 15.26 5.04 14.62
CA VAL C 30 16.29 4.45 15.44
C VAL C 30 17.13 5.53 16.09
N ASP C 31 17.13 5.55 17.41
CA ASP C 31 17.95 6.43 18.22
C ASP C 31 19.36 5.83 18.18
N ASN C 32 20.24 6.52 17.44
CA ASN C 32 21.65 6.15 17.23
C ASN C 32 22.49 6.36 18.50
N ASP C 33 22.16 7.40 19.29
CA ASP C 33 22.85 7.77 20.53
C ASP C 33 22.68 6.73 21.65
N CYS C 34 21.58 5.95 21.69
CA CYS C 34 21.50 4.91 22.72
C CYS C 34 20.86 3.56 22.22
N ASP C 35 21.21 3.16 20.96
CA ASP C 35 20.85 1.91 20.24
C ASP C 35 19.47 1.39 20.59
N LYS C 36 18.45 2.19 20.29
CA LYS C 36 17.06 1.95 20.68
C LYS C 36 16.09 2.37 19.58
N ARG C 37 14.93 1.70 19.47
CA ARG C 37 13.86 2.01 18.52
C ARG C 37 12.91 2.95 19.22
N VAL C 38 12.50 4.04 18.55
CA VAL C 38 11.58 5.07 19.10
C VAL C 38 10.33 5.30 18.20
N ALA C 39 9.29 5.96 18.73
CA ALA C 39 8.08 6.32 17.97
C ALA C 39 7.99 7.86 18.02
N ILE C 40 8.07 8.52 16.85
CA ILE C 40 8.05 9.96 16.75
C ILE C 40 6.72 10.45 16.17
N LYS C 41 6.03 11.34 16.87
CA LYS C 41 4.77 11.96 16.42
C LYS C 41 5.07 13.40 15.93
N LYS C 42 4.77 13.68 14.65
CA LYS C 42 4.94 15.01 14.07
C LYS C 42 3.59 15.75 14.22
N ILE C 43 3.61 16.99 14.73
CA ILE C 43 2.39 17.80 14.92
C ILE C 43 2.51 18.99 14.00
N VAL C 44 1.54 19.16 13.09
CA VAL C 44 1.55 20.26 12.11
C VAL C 44 0.96 21.55 12.72
N LEU C 45 1.70 22.67 12.60
CA LEU C 45 1.25 23.98 13.11
C LEU C 45 0.05 24.53 12.32
N ASP C 47 -3.27 27.76 12.62
CA ASP C 47 -1.91 27.94 13.10
C ASP C 47 -1.90 28.28 14.61
N PRO C 48 -2.38 29.46 15.12
CA PRO C 48 -2.33 29.70 16.58
C PRO C 48 -3.18 28.75 17.43
N GLN C 49 -4.23 28.14 16.83
CA GLN C 49 -5.15 27.19 17.47
C GLN C 49 -4.46 25.85 17.70
N SER C 50 -3.62 25.40 16.74
CA SER C 50 -2.83 24.18 16.82
C SER C 50 -1.63 24.36 17.77
N VAL C 51 -1.08 25.61 17.88
CA VAL C 51 0.02 25.93 18.80
C VAL C 51 -0.48 25.79 20.25
N LYS C 52 -1.76 26.14 20.49
CA LYS C 52 -2.44 25.99 21.78
C LYS C 52 -2.54 24.51 22.14
N HIS C 53 -3.08 23.66 21.21
CA HIS C 53 -3.27 22.21 21.40
C HIS C 53 -1.97 21.45 21.54
N ALA C 54 -0.92 21.88 20.81
CA ALA C 54 0.40 21.24 20.87
C ALA C 54 1.01 21.51 22.24
N LEU C 55 0.94 22.77 22.71
CA LEU C 55 1.42 23.22 24.02
C LEU C 55 0.64 22.54 25.16
N ARG C 56 -0.71 22.36 24.99
CA ARG C 56 -1.58 21.66 25.95
C ARG C 56 -1.10 20.20 26.14
N GLU C 57 -0.94 19.44 25.04
CA GLU C 57 -0.44 18.05 25.07
C GLU C 57 1.00 17.95 25.65
N ILE C 58 1.90 18.89 25.27
CA ILE C 58 3.30 18.96 25.69
C ILE C 58 3.41 19.16 27.19
N LYS C 59 2.64 20.13 27.74
CA LYS C 59 2.63 20.44 29.18
C LYS C 59 2.15 19.20 29.97
N ILE C 60 1.17 18.46 29.41
CA ILE C 60 0.61 17.25 30.02
C ILE C 60 1.64 16.10 30.07
N ILE C 61 2.12 15.64 28.90
CA ILE C 61 3.01 14.49 28.75
C ILE C 61 4.41 14.67 29.42
N ARG C 62 4.88 15.92 29.62
CA ARG C 62 6.16 16.19 30.28
C ARG C 62 6.11 15.78 31.78
N ARG C 63 4.98 16.07 32.43
CA ARG C 63 4.73 15.84 33.85
C ARG C 63 4.33 14.39 34.21
N LEU C 64 3.82 13.62 33.24
CA LEU C 64 3.36 12.25 33.49
C LEU C 64 4.47 11.20 33.38
N ASP C 65 4.69 10.45 34.47
CA ASP C 65 5.67 9.35 34.52
C ASP C 65 5.07 8.18 35.28
N HIS C 66 4.69 7.10 34.56
CA HIS C 66 4.06 5.91 35.16
C HIS C 66 4.21 4.69 34.26
N ASP C 67 4.35 3.48 34.87
CA ASP C 67 4.50 2.16 34.23
C ASP C 67 3.51 1.88 33.09
N ASN C 68 2.26 2.39 33.21
CA ASN C 68 1.19 2.15 32.27
C ASN C 68 0.81 3.37 31.43
N ILE C 69 1.75 4.26 31.21
CA ILE C 69 1.63 5.46 30.37
C ILE C 69 2.86 5.38 29.44
N VAL C 70 2.67 5.58 28.12
CA VAL C 70 3.75 5.56 27.12
C VAL C 70 4.78 6.63 27.54
N LYS C 71 6.06 6.24 27.69
CA LYS C 71 7.13 7.16 28.10
C LYS C 71 7.60 8.09 26.98
N VAL C 72 7.62 9.40 27.27
CA VAL C 72 8.10 10.46 26.39
C VAL C 72 9.57 10.72 26.72
N PHE C 73 10.44 10.59 25.70
CA PHE C 73 11.87 10.80 25.84
C PHE C 73 12.29 12.26 25.60
N GLU C 74 11.87 12.88 24.47
CA GLU C 74 12.26 14.24 24.07
C GLU C 74 11.14 14.99 23.30
N ILE C 75 11.14 16.35 23.37
CA ILE C 75 10.25 17.22 22.60
C ILE C 75 11.19 18.01 21.68
N LEU C 76 11.07 17.79 20.36
CA LEU C 76 11.96 18.37 19.36
C LEU C 76 11.32 19.32 18.35
N GLY C 77 12.13 20.22 17.79
CA GLY C 77 11.71 21.16 16.76
C GLY C 77 11.92 20.56 15.37
N PRO C 78 11.63 21.31 14.28
CA PRO C 78 11.83 20.74 12.92
C PRO C 78 13.28 20.34 12.61
N SER C 79 14.27 21.05 13.19
CA SER C 79 15.70 20.78 13.01
C SER C 79 16.30 19.80 14.05
N GLY C 80 15.44 18.93 14.61
CA GLY C 80 15.81 17.90 15.57
C GLY C 80 16.42 18.32 16.89
N SER C 81 16.47 19.64 17.17
CA SER C 81 17.02 20.19 18.41
C SER C 81 15.95 20.15 19.51
N GLN C 82 16.36 20.18 20.79
CA GLN C 82 15.43 20.16 21.93
C GLN C 82 14.57 21.44 21.99
N LEU C 83 13.29 21.28 22.31
CA LEU C 83 12.32 22.38 22.39
C LEU C 83 12.47 23.13 23.72
N SER C 95 6.25 22.69 12.59
CA SER C 95 6.03 21.38 13.21
C SER C 95 6.83 21.16 14.51
N VAL C 96 6.42 20.12 15.28
CA VAL C 96 7.03 19.68 16.55
C VAL C 96 7.05 18.13 16.59
N TYR C 97 8.14 17.55 17.05
CA TYR C 97 8.28 16.10 17.12
C TYR C 97 8.32 15.58 18.54
N ILE C 98 7.38 14.71 18.89
CA ILE C 98 7.35 14.09 20.21
C ILE C 98 8.01 12.70 20.09
N VAL C 99 9.14 12.49 20.78
CA VAL C 99 9.81 11.20 20.75
C VAL C 99 9.34 10.39 21.95
N GLN C 100 8.80 9.19 21.69
CA GLN C 100 8.27 8.31 22.76
C GLN C 100 8.83 6.89 22.64
N GLU C 101 8.57 6.03 23.65
CA GLU C 101 9.00 4.62 23.55
C GLU C 101 8.24 3.89 22.44
N TYR C 102 8.90 2.96 21.77
CA TYR C 102 8.31 2.18 20.71
C TYR C 102 7.58 1.01 21.35
N MET C 103 6.28 0.87 21.05
CA MET C 103 5.48 -0.24 21.57
C MET C 103 5.22 -1.16 20.38
N GLU C 104 5.24 -2.48 20.63
CA GLU C 104 5.08 -3.50 19.60
C GLU C 104 3.82 -3.32 18.74
N THR C 105 2.66 -3.16 19.41
CA THR C 105 1.36 -3.04 18.76
C THR C 105 0.40 -2.21 19.61
N ASP C 106 -0.88 -2.22 19.25
CA ASP C 106 -1.97 -1.58 19.96
C ASP C 106 -3.09 -2.61 20.22
N LEU C 107 -4.02 -2.35 21.17
CA LEU C 107 -5.10 -3.28 21.50
C LEU C 107 -6.08 -3.53 20.35
N ALA C 108 -6.32 -2.53 19.49
CA ALA C 108 -7.22 -2.70 18.35
C ALA C 108 -6.69 -3.78 17.37
N ASN C 109 -5.37 -3.76 17.10
CA ASN C 109 -4.73 -4.76 16.23
C ASN C 109 -4.78 -6.16 16.88
N VAL C 110 -4.63 -6.23 18.22
CA VAL C 110 -4.68 -7.46 19.02
C VAL C 110 -6.09 -8.10 18.96
N LEU C 111 -7.14 -7.31 19.18
CA LEU C 111 -8.52 -7.80 19.19
C LEU C 111 -9.06 -8.15 17.78
N GLU C 112 -8.44 -7.61 16.72
CA GLU C 112 -8.77 -7.88 15.31
C GLU C 112 -8.51 -9.37 15.01
N GLN C 113 -7.70 -10.01 15.87
CA GLN C 113 -7.29 -11.41 15.80
C GLN C 113 -8.11 -12.32 16.73
N GLY C 114 -9.12 -11.76 17.39
CA GLY C 114 -10.05 -12.49 18.24
C GLY C 114 -10.15 -12.03 19.69
N PRO C 115 -11.03 -12.67 20.51
CA PRO C 115 -11.10 -12.27 21.94
C PRO C 115 -9.88 -12.75 22.74
N LEU C 116 -9.75 -12.26 23.99
CA LEU C 116 -8.64 -12.67 24.85
C LEU C 116 -9.12 -13.63 25.92
N LEU C 117 -8.18 -14.44 26.47
CA LEU C 117 -8.45 -15.30 27.61
C LEU C 117 -8.82 -14.36 28.77
N GLU C 118 -9.79 -14.74 29.64
CA GLU C 118 -10.21 -13.90 30.79
C GLU C 118 -9.01 -13.43 31.64
N GLU C 119 -7.97 -14.31 31.79
CA GLU C 119 -6.74 -14.01 32.52
C GLU C 119 -5.97 -12.84 31.89
N HIS C 120 -5.95 -12.75 30.53
CA HIS C 120 -5.29 -11.64 29.81
C HIS C 120 -6.12 -10.37 29.82
N ALA C 121 -7.46 -10.52 29.72
CA ALA C 121 -8.43 -9.43 29.77
C ALA C 121 -8.37 -8.70 31.12
N ARG C 122 -8.24 -9.46 32.22
CA ARG C 122 -8.15 -8.97 33.59
C ARG C 122 -6.83 -8.27 33.87
N LEU C 123 -5.74 -8.87 33.39
CA LEU C 123 -4.41 -8.31 33.54
C LEU C 123 -4.33 -6.93 32.82
N PHE C 124 -4.89 -6.83 31.60
CA PHE C 124 -4.90 -5.60 30.81
C PHE C 124 -5.80 -4.51 31.43
N MET C 125 -6.93 -4.93 32.02
CA MET C 125 -7.87 -4.05 32.71
C MET C 125 -7.20 -3.44 33.96
N TYR C 126 -6.43 -4.28 34.70
CA TYR C 126 -5.69 -3.84 35.88
C TYR C 126 -4.73 -2.70 35.53
N GLN C 127 -3.94 -2.93 34.45
CA GLN C 127 -2.94 -2.04 33.90
C GLN C 127 -3.58 -0.73 33.44
N LEU C 128 -4.70 -0.83 32.69
CA LEU C 128 -5.48 0.32 32.22
C LEU C 128 -5.94 1.17 33.39
N LEU C 129 -6.62 0.55 34.41
CA LEU C 129 -7.14 1.25 35.60
C LEU C 129 -6.03 1.90 36.42
N ARG C 130 -4.85 1.21 36.55
CA ARG C 130 -3.69 1.78 37.26
C ARG C 130 -3.23 3.07 36.58
N GLY C 131 -3.24 3.08 35.25
CA GLY C 131 -2.89 4.26 34.46
C GLY C 131 -3.91 5.37 34.62
N LEU C 132 -5.23 5.02 34.62
CA LEU C 132 -6.32 6.00 34.77
C LEU C 132 -6.28 6.64 36.16
N LYS C 133 -6.07 5.83 37.20
CA LYS C 133 -5.96 6.28 38.58
C LYS C 133 -4.84 7.31 38.68
N TYR C 134 -3.74 7.12 37.91
CA TYR C 134 -2.61 8.03 37.91
C TYR C 134 -2.94 9.37 37.25
N ILE C 135 -3.44 9.35 35.98
CA ILE C 135 -3.77 10.58 35.25
C ILE C 135 -4.87 11.38 35.93
N HIS C 136 -5.92 10.70 36.46
CA HIS C 136 -7.01 11.33 37.19
C HIS C 136 -6.54 12.04 38.44
N SER C 137 -5.55 11.47 39.16
CA SER C 137 -4.94 12.07 40.36
C SER C 137 -4.22 13.40 40.06
N ALA C 138 -3.78 13.59 38.79
CA ALA C 138 -3.10 14.77 38.26
C ALA C 138 -4.13 15.71 37.61
N ASN C 139 -5.45 15.32 37.72
CA ASN C 139 -6.64 16.00 37.19
C ASN C 139 -6.59 16.14 35.68
N VAL C 140 -6.02 15.11 35.03
CA VAL C 140 -5.91 14.99 33.58
C VAL C 140 -6.92 13.92 33.16
N LEU C 141 -7.64 14.22 32.08
CA LEU C 141 -8.69 13.40 31.47
C LEU C 141 -8.25 13.03 30.07
N HIS C 142 -8.01 11.73 29.82
CA HIS C 142 -7.70 11.20 28.49
C HIS C 142 -9.05 11.31 27.80
N ARG C 143 -9.19 12.01 26.71
CA ARG C 143 -10.61 12.08 26.26
C ARG C 143 -10.93 11.28 25.02
N ASP C 144 -9.98 10.41 24.62
CA ASP C 144 -10.07 9.58 23.42
C ASP C 144 -9.66 8.14 23.76
N LEU C 145 -10.26 7.60 24.82
CA LEU C 145 -9.95 6.27 25.29
C LEU C 145 -10.66 5.21 24.44
N LYS C 146 -9.87 4.40 23.71
CA LYS C 146 -10.34 3.35 22.80
C LYS C 146 -9.20 2.33 22.60
N PRO C 147 -9.48 1.07 22.16
CA PRO C 147 -8.39 0.10 21.96
C PRO C 147 -7.20 0.55 21.09
N ALA C 148 -7.43 1.40 20.08
CA ALA C 148 -6.35 1.92 19.22
C ALA C 148 -5.31 2.78 19.95
N ASN C 149 -5.69 3.36 21.13
CA ASN C 149 -4.84 4.22 21.97
C ASN C 149 -4.24 3.49 23.20
N LEU C 150 -4.40 2.18 23.29
CA LEU C 150 -3.85 1.37 24.38
C LEU C 150 -2.81 0.52 23.70
N PHE C 151 -1.52 0.77 24.02
CA PHE C 151 -0.35 0.14 23.38
C PHE C 151 0.16 -1.05 24.18
N ILE C 152 0.48 -2.17 23.45
CA ILE C 152 0.91 -3.46 24.00
C ILE C 152 2.31 -3.87 23.55
N ASN C 153 3.03 -4.54 24.46
CA ASN C 153 4.28 -5.26 24.25
C ASN C 153 3.86 -6.68 24.62
N THR C 154 3.67 -7.54 23.60
CA THR C 154 3.11 -8.88 23.76
C THR C 154 4.02 -9.82 24.55
N GLU C 155 5.35 -9.55 24.55
CA GLU C 155 6.36 -10.33 25.26
C GLU C 155 6.16 -10.35 26.77
N ASP C 156 5.98 -9.15 27.37
CA ASP C 156 5.81 -8.96 28.81
C ASP C 156 4.35 -8.82 29.22
N LEU C 157 3.42 -8.72 28.22
CA LEU C 157 1.98 -8.49 28.37
C LEU C 157 1.72 -7.18 29.09
N VAL C 158 2.44 -6.14 28.66
CA VAL C 158 2.39 -4.79 29.21
C VAL C 158 1.47 -3.92 28.38
N LEU C 159 0.59 -3.18 29.04
CA LEU C 159 -0.34 -2.23 28.46
C LEU C 159 0.05 -0.83 28.97
N LYS C 160 0.13 0.12 28.02
CA LYS C 160 0.42 1.52 28.28
C LYS C 160 -0.58 2.42 27.51
N ILE C 161 -1.13 3.43 28.21
CA ILE C 161 -2.05 4.41 27.62
C ILE C 161 -1.18 5.40 26.85
N GLY C 162 -1.60 5.72 25.65
CA GLY C 162 -0.89 6.66 24.81
C GLY C 162 -1.88 7.57 24.14
N ASP C 163 -1.35 8.34 23.17
CA ASP C 163 -2.06 9.32 22.35
C ASP C 163 -2.89 10.34 23.22
N PHE C 164 -2.17 11.24 23.88
CA PHE C 164 -2.74 12.28 24.73
C PHE C 164 -3.03 13.57 23.93
N GLY C 165 -3.25 13.45 22.62
CA GLY C 165 -3.55 14.59 21.75
C GLY C 165 -4.90 15.25 21.97
N LEU C 166 -5.87 14.50 22.57
CA LEU C 166 -7.23 14.96 22.88
C LEU C 166 -7.41 15.21 24.37
N ALA C 167 -6.46 14.72 25.21
CA ALA C 167 -6.41 14.85 26.67
C ALA C 167 -6.50 16.30 27.14
N ARG C 168 -7.15 16.54 28.28
CA ARG C 168 -7.34 17.89 28.81
C ARG C 168 -7.38 17.90 30.32
N ILE C 169 -6.83 18.96 30.96
CA ILE C 169 -6.87 19.13 32.42
C ILE C 169 -8.33 19.48 32.80
N MET C 170 -8.91 18.80 33.81
CA MET C 170 -10.29 19.03 34.27
C MET C 170 -10.45 20.41 34.91
N LEU C 180 -17.64 19.48 15.25
CA LEU C 180 -16.70 19.35 14.13
C LEU C 180 -16.07 17.97 14.12
N SER C 181 -15.93 17.38 12.93
CA SER C 181 -15.38 16.03 12.68
C SER C 181 -16.13 14.90 13.39
N GLU C 182 -17.45 15.10 13.61
CA GLU C 182 -18.36 14.12 14.24
C GLU C 182 -18.38 12.78 13.48
N GLY C 183 -18.39 12.83 12.15
CA GLY C 183 -18.37 11.64 11.30
C GLY C 183 -17.09 10.82 11.35
N LEU C 184 -16.01 11.39 11.94
CA LEU C 184 -14.70 10.75 12.05
C LEU C 184 -14.39 10.16 13.42
N VAL C 185 -14.99 10.73 14.46
CA VAL C 185 -14.80 10.28 15.84
C VAL C 185 -15.72 9.07 16.12
N THR C 186 -15.24 8.09 16.89
CA THR C 186 -16.08 6.92 17.21
C THR C 186 -17.04 7.23 18.36
N LYS C 187 -18.30 6.82 18.17
CA LYS C 187 -19.32 7.02 19.20
C LYS C 187 -19.29 5.89 20.22
N TRP C 188 -18.73 4.75 19.85
CA TRP C 188 -18.72 3.48 20.57
C TRP C 188 -18.35 3.48 22.08
N TYR C 189 -17.41 4.33 22.53
CA TYR C 189 -16.95 4.30 23.93
C TYR C 189 -17.44 5.52 24.73
N ARG C 190 -18.46 6.25 24.19
CA ARG C 190 -19.09 7.42 24.81
C ARG C 190 -20.18 7.01 25.77
N SER C 191 -20.16 7.59 26.98
CA SER C 191 -21.10 7.34 28.06
C SER C 191 -22.40 7.93 27.66
N PRO C 192 -23.58 7.47 28.16
CA PRO C 192 -24.84 8.12 27.77
C PRO C 192 -24.92 9.62 28.09
N ARG C 193 -24.27 10.11 29.17
CA ARG C 193 -24.29 11.54 29.54
C ARG C 193 -23.43 12.36 28.60
N LEU C 194 -22.38 11.74 28.00
CA LEU C 194 -21.57 12.43 26.99
C LEU C 194 -22.40 12.50 25.70
N LEU C 195 -23.32 11.54 25.48
CA LEU C 195 -24.18 11.58 24.30
C LEU C 195 -25.25 12.67 24.44
N LEU C 196 -25.74 12.90 25.68
CA LEU C 196 -26.75 13.94 26.02
C LEU C 196 -26.14 15.34 26.21
N SER C 197 -24.91 15.41 26.73
CA SER C 197 -24.17 16.65 26.99
C SER C 197 -22.82 16.46 26.29
N PRO C 198 -22.74 16.75 24.96
CA PRO C 198 -21.51 16.44 24.20
C PRO C 198 -20.22 17.17 24.53
N ASN C 199 -20.28 18.33 25.24
CA ASN C 199 -19.07 19.09 25.51
C ASN C 199 -18.57 18.99 26.95
N ASN C 200 -19.22 18.15 27.78
CA ASN C 200 -18.88 17.95 29.20
C ASN C 200 -18.06 16.69 29.41
N TYR C 201 -16.74 16.87 29.63
CA TYR C 201 -15.79 15.78 29.89
C TYR C 201 -15.43 15.69 31.39
N THR C 202 -15.47 14.47 31.94
CA THR C 202 -15.18 14.17 33.34
C THR C 202 -14.35 12.88 33.46
N LYS C 203 -13.87 12.57 34.69
CA LYS C 203 -13.13 11.34 34.99
C LYS C 203 -14.03 10.11 34.73
N ALA C 204 -15.32 10.21 35.13
CA ALA C 204 -16.32 9.16 34.95
C ALA C 204 -16.52 8.73 33.49
N ILE C 205 -16.30 9.66 32.54
CA ILE C 205 -16.39 9.42 31.11
C ILE C 205 -15.25 8.46 30.66
N ASP C 206 -14.05 8.60 31.26
CA ASP C 206 -12.93 7.71 31.00
C ASP C 206 -13.23 6.31 31.50
N MET C 207 -13.90 6.22 32.67
CA MET C 207 -14.31 4.98 33.31
C MET C 207 -15.32 4.20 32.51
N TRP C 208 -16.33 4.89 31.88
CA TRP C 208 -17.32 4.23 31.04
C TRP C 208 -16.62 3.55 29.88
N ALA C 209 -15.69 4.28 29.21
CA ALA C 209 -14.88 3.79 28.09
C ALA C 209 -14.07 2.55 28.49
N ALA C 210 -13.45 2.57 29.70
CA ALA C 210 -12.68 1.44 30.22
C ALA C 210 -13.56 0.19 30.37
N GLY C 211 -14.83 0.39 30.80
CA GLY C 211 -15.81 -0.69 30.92
C GLY C 211 -16.05 -1.37 29.60
N CYS C 212 -16.33 -0.56 28.56
CA CYS C 212 -16.59 -0.95 27.16
C CYS C 212 -15.41 -1.72 26.54
N ILE C 213 -14.16 -1.26 26.80
CA ILE C 213 -12.94 -1.89 26.30
C ILE C 213 -12.79 -3.27 26.97
N PHE C 214 -13.09 -3.36 28.28
CA PHE C 214 -13.03 -4.61 29.04
C PHE C 214 -13.95 -5.67 28.44
N ALA C 215 -15.20 -5.29 28.13
CA ALA C 215 -16.17 -6.17 27.48
C ALA C 215 -15.68 -6.63 26.10
N GLU C 216 -15.04 -5.72 25.35
CA GLU C 216 -14.49 -5.99 24.01
C GLU C 216 -13.31 -6.97 24.06
N MET C 217 -12.49 -6.90 25.11
CA MET C 217 -11.39 -7.84 25.29
C MET C 217 -11.91 -9.24 25.55
N LEU C 218 -12.98 -9.36 26.36
CA LEU C 218 -13.64 -10.63 26.71
C LEU C 218 -14.37 -11.32 25.56
N THR C 219 -15.07 -10.53 24.71
CA THR C 219 -15.91 -11.06 23.62
C THR C 219 -15.30 -10.98 22.23
N GLY C 220 -14.40 -10.03 22.01
CA GLY C 220 -13.78 -9.82 20.71
C GLY C 220 -14.62 -8.98 19.76
N LYS C 221 -15.72 -8.38 20.27
CA LYS C 221 -16.60 -7.51 19.51
C LYS C 221 -17.03 -6.28 20.32
N THR C 222 -17.33 -5.16 19.62
CA THR C 222 -17.77 -3.90 20.23
C THR C 222 -19.06 -4.14 21.02
N LEU C 223 -19.08 -3.70 22.30
CA LEU C 223 -20.24 -3.84 23.17
C LEU C 223 -21.44 -3.11 22.63
N PHE C 224 -21.31 -1.78 22.35
CA PHE C 224 -22.36 -0.95 21.79
C PHE C 224 -21.87 -0.29 20.50
N ALA C 225 -22.16 -0.91 19.35
CA ALA C 225 -21.71 -0.46 18.03
C ALA C 225 -22.76 0.33 17.24
N GLY C 226 -23.01 1.57 17.66
CA GLY C 226 -23.96 2.48 17.04
C GLY C 226 -23.28 3.44 16.09
N ALA C 227 -23.89 3.65 14.90
CA ALA C 227 -23.38 4.52 13.85
C ALA C 227 -23.53 6.02 14.20
N HIS C 228 -24.61 6.36 14.92
CA HIS C 228 -24.92 7.73 15.30
C HIS C 228 -25.23 7.83 16.78
N GLU C 229 -25.23 9.06 17.33
CA GLU C 229 -25.51 9.37 18.73
C GLU C 229 -26.82 8.73 19.24
N LEU C 230 -27.90 8.78 18.44
CA LEU C 230 -29.19 8.18 18.80
C LEU C 230 -29.16 6.65 18.81
N GLU C 231 -28.59 6.03 17.76
CA GLU C 231 -28.46 4.56 17.65
C GLU C 231 -27.67 3.98 18.84
N GLN C 232 -26.61 4.68 19.25
CA GLN C 232 -25.73 4.37 20.37
C GLN C 232 -26.53 4.42 21.68
N MET C 233 -27.40 5.44 21.84
CA MET C 233 -28.25 5.61 23.02
C MET C 233 -29.29 4.48 23.12
N GLN C 234 -29.90 4.11 21.98
CA GLN C 234 -30.90 3.05 21.90
C GLN C 234 -30.31 1.67 22.25
N LEU C 235 -29.04 1.43 21.89
CA LEU C 235 -28.32 0.19 22.17
C LEU C 235 -27.97 0.06 23.66
N ILE C 236 -27.58 1.19 24.31
CA ILE C 236 -27.22 1.29 25.74
C ILE C 236 -28.49 1.04 26.57
N LEU C 237 -29.62 1.67 26.17
CA LEU C 237 -30.92 1.58 26.85
C LEU C 237 -31.56 0.18 26.81
N GLU C 238 -31.10 -0.67 25.87
CA GLU C 238 -31.56 -2.06 25.74
C GLU C 238 -30.89 -2.95 26.80
N SER C 239 -29.77 -2.50 27.38
CA SER C 239 -28.97 -3.28 28.33
C SER C 239 -28.75 -2.65 29.70
N ILE C 240 -28.68 -1.30 29.77
CA ILE C 240 -28.37 -0.55 30.98
C ILE C 240 -29.63 0.07 31.61
N PRO C 241 -29.93 -0.20 32.89
CA PRO C 241 -31.13 0.43 33.49
C PRO C 241 -30.91 1.90 33.83
N VAL C 242 -31.98 2.68 33.81
CA VAL C 242 -31.98 4.09 34.21
C VAL C 242 -32.63 4.04 35.60
N VAL C 243 -31.83 4.21 36.65
CA VAL C 243 -32.34 4.07 38.02
C VAL C 243 -32.75 5.41 38.66
N HIS C 244 -32.30 6.55 38.10
CA HIS C 244 -32.64 7.87 38.66
C HIS C 244 -33.71 8.58 37.84
N GLU C 245 -34.62 9.30 38.53
CA GLU C 245 -35.70 10.08 37.91
C GLU C 245 -35.15 11.29 37.14
N GLU C 246 -34.02 11.87 37.63
CA GLU C 246 -33.31 12.99 37.02
C GLU C 246 -32.82 12.60 35.63
N ASP C 247 -32.23 11.39 35.51
CA ASP C 247 -31.74 10.80 34.26
C ASP C 247 -32.90 10.38 33.35
N ARG C 248 -34.04 9.95 33.92
CA ARG C 248 -35.24 9.54 33.19
C ARG C 248 -35.96 10.75 32.59
N GLN C 249 -36.04 11.86 33.36
CA GLN C 249 -36.64 13.11 32.92
C GLN C 249 -35.84 13.75 31.80
N GLU C 250 -34.48 13.65 31.86
CA GLU C 250 -33.63 14.18 30.80
C GLU C 250 -33.88 13.44 29.48
N LEU C 251 -34.00 12.09 29.54
CA LEU C 251 -34.27 11.24 28.37
C LEU C 251 -35.64 11.53 27.75
N LEU C 252 -36.65 11.83 28.59
CA LEU C 252 -38.00 12.15 28.12
C LEU C 252 -38.07 13.49 27.39
N SER C 253 -37.08 14.39 27.63
CA SER C 253 -36.98 15.71 27.02
C SER C 253 -36.16 15.71 25.73
N VAL C 254 -35.54 14.56 25.38
CA VAL C 254 -34.70 14.41 24.18
C VAL C 254 -35.27 13.34 23.22
N ILE C 255 -35.57 12.14 23.73
CA ILE C 255 -36.15 11.04 22.94
C ILE C 255 -37.36 10.43 23.73
N PRO C 256 -38.56 11.05 23.60
CA PRO C 256 -39.73 10.55 24.36
C PRO C 256 -40.20 9.17 23.94
N ARG C 260 -39.96 5.10 27.72
CA ARG C 260 -40.78 4.08 28.38
C ARG C 260 -41.10 4.46 29.83
N ASN C 261 -42.26 3.98 30.33
CA ASN C 261 -42.76 4.23 31.69
C ASN C 261 -41.89 3.61 32.80
N ASP C 262 -41.19 2.49 32.49
CA ASP C 262 -40.28 1.78 33.40
C ASP C 262 -38.99 1.52 32.65
N MET C 263 -37.89 2.10 33.13
CA MET C 263 -36.53 2.02 32.58
C MET C 263 -35.59 1.22 33.47
N THR C 264 -36.13 0.75 34.60
CA THR C 264 -35.47 0.01 35.66
C THR C 264 -35.13 -1.43 35.20
N GLU C 265 -35.92 -2.01 34.28
CA GLU C 265 -35.70 -3.37 33.76
C GLU C 265 -35.48 -3.38 32.24
N PRO C 266 -34.21 -3.32 31.74
CA PRO C 266 -33.95 -3.34 30.28
C PRO C 266 -34.27 -4.66 29.58
N HIS C 267 -34.39 -4.63 28.23
CA HIS C 267 -34.74 -5.77 27.37
C HIS C 267 -33.70 -6.93 27.34
N LYS C 268 -32.42 -6.61 27.04
CA LYS C 268 -31.27 -7.51 26.90
C LYS C 268 -30.15 -7.10 27.88
N PRO C 269 -30.21 -7.52 29.18
CA PRO C 269 -29.18 -7.10 30.15
C PRO C 269 -27.77 -7.60 29.87
N LEU C 270 -26.78 -7.01 30.56
CA LEU C 270 -25.36 -7.33 30.45
C LEU C 270 -25.05 -8.82 30.50
N THR C 271 -25.72 -9.56 31.39
CA THR C 271 -25.57 -11.00 31.56
C THR C 271 -25.86 -11.77 30.26
N GLN C 272 -26.84 -11.26 29.44
CA GLN C 272 -27.23 -11.83 28.15
C GLN C 272 -26.23 -11.43 27.07
N LEU C 273 -25.82 -10.14 27.06
CA LEU C 273 -24.87 -9.56 26.11
C LEU C 273 -23.49 -10.22 26.13
N LEU C 274 -23.07 -10.74 27.31
CA LEU C 274 -21.78 -11.42 27.50
C LEU C 274 -22.04 -12.87 27.95
N PRO C 275 -22.33 -13.78 26.99
CA PRO C 275 -22.64 -15.16 27.37
C PRO C 275 -21.39 -16.03 27.38
N GLY C 276 -21.11 -16.64 28.53
CA GLY C 276 -19.94 -17.49 28.69
C GLY C 276 -18.84 -16.88 29.56
N ILE C 277 -19.02 -15.61 29.98
CA ILE C 277 -18.09 -14.89 30.85
C ILE C 277 -18.48 -15.16 32.32
N SER C 278 -17.47 -15.28 33.21
CA SER C 278 -17.65 -15.53 34.65
C SER C 278 -18.54 -14.49 35.34
N ARG C 279 -19.29 -14.90 36.41
CA ARG C 279 -20.18 -14.04 37.24
C ARG C 279 -19.45 -12.86 37.83
N GLU C 280 -18.18 -13.10 38.23
CA GLU C 280 -17.26 -12.15 38.84
C GLU C 280 -16.94 -11.03 37.86
N ALA C 281 -16.67 -11.36 36.58
CA ALA C 281 -16.39 -10.41 35.50
C ALA C 281 -17.59 -9.51 35.17
N VAL C 282 -18.79 -10.11 35.04
CA VAL C 282 -20.07 -9.43 34.72
C VAL C 282 -20.44 -8.50 35.88
N ASP C 283 -20.21 -8.95 37.13
CA ASP C 283 -20.53 -8.15 38.31
C ASP C 283 -19.65 -6.92 38.32
N PHE C 284 -18.38 -7.09 38.01
CA PHE C 284 -17.40 -6.00 37.96
C PHE C 284 -17.81 -4.99 36.88
N LEU C 285 -18.20 -5.51 35.72
CA LEU C 285 -18.70 -4.74 34.59
C LEU C 285 -19.97 -3.96 34.88
N GLU C 286 -20.91 -4.57 35.60
CA GLU C 286 -22.18 -3.94 35.98
C GLU C 286 -21.98 -2.70 36.86
N GLN C 287 -20.87 -2.67 37.59
CA GLN C 287 -20.51 -1.59 38.50
C GLN C 287 -19.86 -0.40 37.80
N ILE C 288 -19.34 -0.61 36.57
CA ILE C 288 -18.69 0.42 35.75
C ILE C 288 -19.73 0.93 34.73
N LEU C 289 -20.50 0.02 34.11
CA LEU C 289 -21.50 0.40 33.12
C LEU C 289 -22.84 0.72 33.75
N THR C 290 -22.84 1.75 34.61
CA THR C 290 -24.03 2.33 35.25
C THR C 290 -24.40 3.55 34.39
N PHE C 291 -25.69 3.80 34.15
CA PHE C 291 -26.15 4.94 33.34
C PHE C 291 -25.65 6.28 33.90
N SER C 292 -25.75 6.45 35.23
CA SER C 292 -25.34 7.67 35.95
C SER C 292 -23.87 7.63 36.38
N PRO C 293 -23.10 8.73 36.17
CA PRO C 293 -21.71 8.76 36.63
C PRO C 293 -21.61 8.76 38.16
N MET C 294 -22.69 9.17 38.85
CA MET C 294 -22.78 9.22 40.30
C MET C 294 -22.70 7.86 40.97
N ASP C 295 -23.15 6.79 40.29
CA ASP C 295 -23.14 5.40 40.79
C ASP C 295 -21.89 4.60 40.35
N ARG C 296 -21.25 5.03 39.25
CA ARG C 296 -20.08 4.40 38.65
C ARG C 296 -18.88 4.40 39.57
N LEU C 297 -18.08 3.30 39.52
CA LEU C 297 -16.84 3.17 40.28
C LEU C 297 -15.82 4.12 39.67
N THR C 298 -14.92 4.65 40.50
CA THR C 298 -13.80 5.48 40.06
C THR C 298 -12.69 4.47 39.76
N ALA C 299 -11.57 4.90 39.16
CA ALA C 299 -10.43 4.03 38.86
C ALA C 299 -9.87 3.43 40.14
N GLU C 300 -9.78 4.26 41.22
CA GLU C 300 -9.32 3.88 42.56
C GLU C 300 -10.25 2.82 43.18
N GLU C 301 -11.58 3.01 43.03
CA GLU C 301 -12.58 2.09 43.57
C GLU C 301 -12.58 0.76 42.81
N ALA C 302 -12.46 0.81 41.47
CA ALA C 302 -12.39 -0.38 40.63
C ALA C 302 -11.15 -1.24 40.93
N LEU C 303 -10.03 -0.60 41.28
CA LEU C 303 -8.79 -1.31 41.64
C LEU C 303 -8.93 -1.98 43.00
N SER C 304 -9.71 -1.36 43.92
CA SER C 304 -9.99 -1.89 45.28
C SER C 304 -11.03 -3.01 45.21
N HIS C 305 -11.70 -3.19 44.08
CA HIS C 305 -12.70 -4.24 43.88
C HIS C 305 -12.02 -5.63 44.00
N PRO C 306 -12.66 -6.65 44.65
CA PRO C 306 -12.01 -7.97 44.80
C PRO C 306 -11.53 -8.63 43.51
N TYR C 307 -12.19 -8.33 42.38
CA TYR C 307 -11.86 -8.86 41.07
C TYR C 307 -10.47 -8.37 40.59
N MET C 308 -10.06 -7.16 41.06
CA MET C 308 -8.78 -6.53 40.71
C MET C 308 -7.69 -6.69 41.81
N SER C 309 -8.11 -7.17 43.00
CA SER C 309 -7.35 -7.38 44.25
C SER C 309 -6.23 -8.44 44.21
N ILE C 310 -6.29 -9.36 43.24
CA ILE C 310 -5.28 -10.42 43.14
C ILE C 310 -3.97 -9.85 42.56
N TYR C 311 -4.03 -8.65 41.96
CA TYR C 311 -2.84 -8.08 41.36
C TYR C 311 -2.17 -7.07 42.29
N PHE D 6 -24.65 -16.23 -0.60
CA PHE D 6 -23.92 -17.46 -0.34
C PHE D 6 -22.42 -17.25 -0.56
N ASP D 7 -21.76 -18.18 -1.29
CA ASP D 7 -20.33 -18.23 -1.57
C ASP D 7 -19.98 -18.16 -3.07
N LEU D 8 -19.17 -17.16 -3.44
CA LEU D 8 -18.66 -16.95 -4.81
C LEU D 8 -17.41 -17.83 -4.99
N GLY D 9 -17.58 -18.94 -5.70
CA GLY D 9 -16.52 -19.91 -5.94
C GLY D 9 -16.27 -20.83 -4.75
N SER D 10 -15.11 -20.65 -4.08
CA SER D 10 -14.66 -21.41 -2.90
C SER D 10 -13.95 -20.52 -1.87
N ARG D 11 -13.34 -19.41 -2.36
CA ARG D 11 -12.59 -18.45 -1.57
C ARG D 11 -13.46 -17.40 -0.89
N TYR D 12 -14.37 -16.78 -1.63
CA TYR D 12 -15.17 -15.68 -1.08
C TYR D 12 -16.48 -16.19 -0.49
N MET D 13 -16.59 -16.05 0.84
CA MET D 13 -17.66 -16.53 1.70
C MET D 13 -18.61 -15.43 2.14
N ASP D 14 -19.76 -15.83 2.71
CA ASP D 14 -20.83 -15.00 3.29
C ASP D 14 -20.99 -13.65 2.60
N LEU D 15 -21.30 -13.70 1.29
CA LEU D 15 -21.51 -12.53 0.44
C LEU D 15 -22.81 -11.83 0.83
N LYS D 16 -22.72 -10.54 1.16
CA LYS D 16 -23.86 -9.74 1.55
C LYS D 16 -23.87 -8.40 0.78
N PRO D 17 -24.91 -8.14 -0.04
CA PRO D 17 -24.93 -6.87 -0.82
C PRO D 17 -24.92 -5.63 0.06
N LEU D 18 -24.30 -4.55 -0.42
CA LEU D 18 -24.24 -3.32 0.34
C LEU D 18 -25.62 -2.62 0.43
N GLY D 19 -26.62 -3.15 -0.31
CA GLY D 19 -28.00 -2.63 -0.32
C GLY D 19 -28.85 -3.05 -1.51
N CYS D 20 -29.51 -2.04 -2.14
CA CYS D 20 -30.39 -2.19 -3.30
C CYS D 20 -29.83 -1.48 -4.55
N GLY D 21 -30.38 -1.83 -5.73
CA GLY D 21 -30.00 -1.26 -7.02
C GLY D 21 -28.52 -1.39 -7.34
N GLY D 22 -27.88 -0.26 -7.68
CA GLY D 22 -26.45 -0.18 -7.96
C GLY D 22 -25.59 -0.69 -6.80
N ASN D 23 -26.08 -0.48 -5.55
CA ASN D 23 -25.43 -0.94 -4.30
C ASN D 23 -25.63 -2.45 -4.01
N GLY D 24 -26.51 -3.10 -4.79
CA GLY D 24 -26.77 -4.53 -4.73
C GLY D 24 -25.81 -5.32 -5.62
N LEU D 25 -25.02 -4.59 -6.47
CA LEU D 25 -24.00 -5.09 -7.41
C LEU D 25 -22.60 -5.03 -6.78
N VAL D 26 -22.51 -4.38 -5.62
CA VAL D 26 -21.34 -4.31 -4.77
C VAL D 26 -21.73 -5.16 -3.53
N PHE D 27 -20.78 -5.92 -2.99
CA PHE D 27 -21.03 -6.83 -1.87
C PHE D 27 -19.85 -6.80 -0.93
N SER D 28 -20.10 -7.07 0.35
CA SER D 28 -19.03 -7.26 1.31
C SER D 28 -18.89 -8.80 1.41
N ALA D 29 -17.69 -9.30 1.54
CA ALA D 29 -17.50 -10.74 1.60
C ALA D 29 -16.32 -11.09 2.51
N VAL D 30 -16.06 -12.38 2.72
CA VAL D 30 -14.96 -12.83 3.54
C VAL D 30 -14.01 -13.66 2.69
N ASP D 31 -12.78 -13.18 2.49
CA ASP D 31 -11.72 -13.90 1.78
C ASP D 31 -11.23 -15.01 2.77
N ASN D 32 -11.37 -16.31 2.41
CA ASN D 32 -10.96 -17.38 3.32
C ASN D 32 -9.44 -17.54 3.41
N ASP D 33 -8.72 -17.48 2.26
CA ASP D 33 -7.26 -17.62 2.15
C ASP D 33 -6.46 -16.57 2.94
N CYS D 34 -7.13 -15.50 3.40
CA CYS D 34 -6.54 -14.39 4.16
C CYS D 34 -7.37 -14.07 5.41
N ASP D 35 -8.57 -14.68 5.53
CA ASP D 35 -9.55 -14.47 6.62
C ASP D 35 -9.72 -12.99 6.94
N LYS D 36 -10.10 -12.22 5.91
CA LYS D 36 -10.34 -10.77 5.98
C LYS D 36 -11.59 -10.40 5.17
N ARG D 37 -12.06 -9.16 5.33
CA ARG D 37 -13.23 -8.60 4.65
C ARG D 37 -12.80 -7.98 3.30
N VAL D 38 -13.65 -8.15 2.28
CA VAL D 38 -13.39 -7.61 0.95
C VAL D 38 -14.65 -6.95 0.42
N ALA D 39 -14.51 -6.19 -0.67
CA ALA D 39 -15.62 -5.56 -1.39
C ALA D 39 -15.56 -6.19 -2.78
N ILE D 40 -16.71 -6.65 -3.31
CA ILE D 40 -16.76 -7.29 -4.63
C ILE D 40 -17.78 -6.61 -5.52
N LYS D 41 -17.32 -5.93 -6.56
CA LYS D 41 -18.21 -5.28 -7.53
C LYS D 41 -18.40 -6.23 -8.72
N LYS D 42 -19.66 -6.58 -9.05
CA LYS D 42 -19.97 -7.40 -10.21
C LYS D 42 -20.10 -6.45 -11.44
N ILE D 43 -19.31 -6.72 -12.49
CA ILE D 43 -19.26 -5.91 -13.72
C ILE D 43 -20.03 -6.64 -14.80
N VAL D 44 -21.23 -6.14 -15.11
CA VAL D 44 -22.12 -6.66 -16.15
C VAL D 44 -21.68 -5.97 -17.46
N LEU D 45 -21.38 -6.74 -18.50
CA LEU D 45 -20.91 -6.15 -19.76
C LEU D 45 -21.74 -6.63 -21.00
N THR D 46 -21.58 -7.93 -21.39
CA THR D 46 -22.21 -8.75 -22.45
C THR D 46 -21.79 -8.44 -23.92
N ASP D 47 -21.94 -7.19 -24.41
CA ASP D 47 -21.57 -6.80 -25.79
C ASP D 47 -20.06 -7.05 -26.10
N PRO D 48 -19.68 -7.73 -27.22
CA PRO D 48 -18.24 -8.04 -27.45
C PRO D 48 -17.25 -6.87 -27.51
N GLN D 49 -17.67 -5.67 -28.01
CA GLN D 49 -16.85 -4.44 -28.06
C GLN D 49 -16.59 -3.96 -26.62
N SER D 50 -17.66 -3.93 -25.79
CA SER D 50 -17.59 -3.52 -24.40
C SER D 50 -16.75 -4.49 -23.56
N VAL D 51 -16.72 -5.79 -23.92
CA VAL D 51 -15.92 -6.81 -23.22
C VAL D 51 -14.42 -6.56 -23.42
N LYS D 52 -13.98 -6.28 -24.68
CA LYS D 52 -12.58 -5.97 -25.03
C LYS D 52 -12.12 -4.70 -24.26
N HIS D 53 -12.95 -3.62 -24.30
CA HIS D 53 -12.68 -2.35 -23.63
C HIS D 53 -12.64 -2.51 -22.12
N ALA D 54 -13.60 -3.22 -21.51
CA ALA D 54 -13.68 -3.41 -20.05
C ALA D 54 -12.48 -4.14 -19.52
N LEU D 55 -12.04 -5.23 -20.21
CA LEU D 55 -10.88 -6.00 -19.82
C LEU D 55 -9.58 -5.19 -19.91
N ARG D 56 -9.50 -4.24 -20.85
CA ARG D 56 -8.34 -3.38 -21.05
C ARG D 56 -8.26 -2.35 -19.94
N GLU D 57 -9.38 -1.67 -19.63
CA GLU D 57 -9.42 -0.67 -18.56
C GLU D 57 -9.22 -1.28 -17.18
N ILE D 58 -9.78 -2.49 -16.92
CA ILE D 58 -9.65 -3.23 -15.66
C ILE D 58 -8.18 -3.56 -15.36
N LYS D 59 -7.43 -4.09 -16.34
CA LYS D 59 -6.00 -4.43 -16.20
C LYS D 59 -5.10 -3.20 -15.85
N ILE D 60 -5.39 -2.01 -16.46
CA ILE D 60 -4.70 -0.72 -16.24
C ILE D 60 -4.94 -0.30 -14.79
N ILE D 61 -6.22 -0.24 -14.37
CA ILE D 61 -6.67 0.16 -13.03
C ILE D 61 -6.14 -0.78 -11.94
N ARG D 62 -6.19 -2.11 -12.14
CA ARG D 62 -5.73 -3.09 -11.16
C ARG D 62 -4.20 -3.04 -10.95
N ARG D 63 -3.49 -2.38 -11.88
CA ARG D 63 -2.04 -2.18 -11.87
C ARG D 63 -1.68 -0.82 -11.22
N LEU D 64 -2.69 0.06 -10.94
CA LEU D 64 -2.42 1.31 -10.23
C LEU D 64 -2.24 0.95 -8.77
N ASP D 65 -1.10 1.33 -8.18
CA ASP D 65 -0.80 1.03 -6.78
C ASP D 65 -0.31 2.26 -6.06
N HIS D 66 -1.22 2.83 -5.27
CA HIS D 66 -1.00 4.00 -4.46
C HIS D 66 -1.79 3.86 -3.14
N ASP D 67 -1.26 4.51 -2.10
CA ASP D 67 -1.81 4.54 -0.75
C ASP D 67 -3.20 5.14 -0.70
N ASN D 68 -3.51 6.08 -1.63
CA ASN D 68 -4.77 6.84 -1.67
C ASN D 68 -5.66 6.49 -2.87
N ILE D 69 -5.56 5.24 -3.32
CA ILE D 69 -6.37 4.63 -4.39
C ILE D 69 -6.82 3.29 -3.77
N VAL D 70 -8.13 2.97 -3.84
CA VAL D 70 -8.65 1.71 -3.26
C VAL D 70 -7.92 0.53 -3.97
N LYS D 71 -7.36 -0.41 -3.20
CA LYS D 71 -6.58 -1.52 -3.73
C LYS D 71 -7.42 -2.64 -4.34
N VAL D 72 -7.06 -3.03 -5.56
CA VAL D 72 -7.68 -4.13 -6.31
C VAL D 72 -6.86 -5.39 -6.07
N PHE D 73 -7.50 -6.43 -5.53
CA PHE D 73 -6.87 -7.72 -5.25
C PHE D 73 -6.91 -8.70 -6.42
N GLU D 74 -8.11 -9.07 -6.91
CA GLU D 74 -8.31 -10.06 -7.97
C GLU D 74 -9.41 -9.64 -8.93
N ILE D 75 -9.38 -10.22 -10.16
CA ILE D 75 -10.41 -10.14 -11.20
C ILE D 75 -10.85 -11.60 -11.38
N LEU D 76 -12.16 -11.85 -11.33
CA LEU D 76 -12.70 -13.21 -11.42
C LEU D 76 -13.68 -13.32 -12.54
N GLY D 77 -13.74 -14.51 -13.15
CA GLY D 77 -14.68 -14.83 -14.21
C GLY D 77 -16.07 -15.06 -13.63
N PRO D 78 -17.09 -15.34 -14.48
CA PRO D 78 -18.44 -15.55 -13.95
C PRO D 78 -18.56 -16.80 -13.07
N SER D 79 -17.69 -17.79 -13.30
CA SER D 79 -17.62 -19.03 -12.53
C SER D 79 -17.27 -18.76 -11.04
N GLY D 80 -16.52 -17.69 -10.82
CA GLY D 80 -16.09 -17.29 -9.48
C GLY D 80 -14.59 -17.43 -9.32
N SER D 81 -13.98 -18.40 -10.04
CA SER D 81 -12.53 -18.63 -10.00
C SER D 81 -11.81 -17.55 -10.79
N GLN D 82 -10.54 -17.26 -10.41
CA GLN D 82 -9.66 -16.23 -10.97
C GLN D 82 -9.69 -16.15 -12.48
N LEU D 83 -9.73 -14.91 -13.01
CA LEU D 83 -9.75 -14.67 -14.45
C LEU D 83 -8.41 -15.06 -15.05
N THR D 84 -8.43 -16.06 -15.94
CA THR D 84 -7.24 -16.58 -16.61
C THR D 84 -6.80 -15.63 -17.72
N ASP D 85 -5.49 -15.33 -17.79
CA ASP D 85 -4.92 -14.48 -18.84
C ASP D 85 -4.89 -15.29 -20.14
N ASP D 86 -6.04 -15.29 -20.84
CA ASP D 86 -6.33 -16.00 -22.09
C ASP D 86 -7.46 -15.24 -22.82
N VAL D 87 -7.09 -14.56 -23.93
CA VAL D 87 -8.01 -13.76 -24.76
C VAL D 87 -8.78 -14.66 -25.76
N GLY D 88 -8.53 -15.97 -25.70
CA GLY D 88 -9.20 -16.98 -26.52
C GLY D 88 -10.58 -17.36 -26.02
N SER D 89 -11.30 -16.36 -25.43
CA SER D 89 -12.66 -16.44 -24.87
C SER D 89 -13.19 -15.02 -24.61
N LEU D 90 -14.26 -14.60 -25.34
CA LEU D 90 -14.82 -13.25 -25.21
C LEU D 90 -16.37 -13.24 -25.09
N THR D 91 -17.08 -13.98 -25.97
CA THR D 91 -18.56 -14.10 -25.95
C THR D 91 -18.99 -14.90 -24.70
N GLU D 92 -18.15 -15.89 -24.28
CA GLU D 92 -18.31 -16.76 -23.11
C GLU D 92 -18.33 -15.95 -21.81
N LEU D 93 -17.55 -14.84 -21.77
CA LEU D 93 -17.42 -13.93 -20.64
C LEU D 93 -18.63 -12.97 -20.55
N ASN D 94 -19.58 -13.30 -19.67
CA ASN D 94 -20.83 -12.54 -19.48
C ASN D 94 -20.68 -11.41 -18.47
N SER D 95 -19.74 -11.58 -17.52
CA SER D 95 -19.39 -10.61 -16.49
C SER D 95 -18.02 -10.95 -15.89
N VAL D 96 -17.52 -10.06 -15.02
CA VAL D 96 -16.29 -10.22 -14.25
C VAL D 96 -16.55 -9.68 -12.86
N TYR D 97 -15.88 -10.23 -11.83
CA TYR D 97 -15.99 -9.72 -10.47
C TYR D 97 -14.67 -9.13 -10.10
N ILE D 98 -14.68 -7.89 -9.60
CA ILE D 98 -13.49 -7.18 -9.12
C ILE D 98 -13.49 -7.27 -7.60
N VAL D 99 -12.42 -7.83 -7.02
CA VAL D 99 -12.25 -7.96 -5.56
C VAL D 99 -11.31 -6.85 -5.10
N GLN D 100 -11.75 -5.98 -4.19
CA GLN D 100 -10.90 -4.90 -3.70
C GLN D 100 -10.94 -4.76 -2.16
N GLU D 101 -10.19 -3.78 -1.62
CA GLU D 101 -10.10 -3.58 -0.18
C GLU D 101 -11.39 -2.98 0.39
N TYR D 102 -11.84 -3.47 1.55
CA TYR D 102 -13.04 -2.99 2.20
C TYR D 102 -12.68 -1.76 3.04
N MET D 103 -13.38 -0.64 2.81
CA MET D 103 -13.17 0.61 3.55
C MET D 103 -14.34 0.78 4.48
N GLU D 104 -14.08 1.33 5.67
CA GLU D 104 -15.08 1.54 6.72
C GLU D 104 -16.33 2.31 6.25
N THR D 105 -16.12 3.48 5.61
CA THR D 105 -17.19 4.35 5.14
C THR D 105 -16.74 5.14 3.87
N ASP D 106 -17.51 6.17 3.49
CA ASP D 106 -17.22 7.11 2.42
C ASP D 106 -17.37 8.53 2.97
N LEU D 107 -16.77 9.52 2.29
CA LEU D 107 -16.79 10.92 2.73
C LEU D 107 -18.20 11.53 2.83
N ALA D 108 -19.12 11.15 1.91
CA ALA D 108 -20.50 11.62 1.92
C ALA D 108 -21.22 11.26 3.23
N ASN D 109 -21.04 10.02 3.71
CA ASN D 109 -21.61 9.57 4.97
C ASN D 109 -21.01 10.35 6.17
N VAL D 110 -19.71 10.68 6.09
CA VAL D 110 -18.95 11.42 7.11
C VAL D 110 -19.48 12.86 7.23
N LEU D 111 -19.60 13.55 6.10
CA LEU D 111 -20.06 14.94 6.06
C LEU D 111 -21.55 15.12 6.40
N GLU D 112 -22.36 14.04 6.27
CA GLU D 112 -23.79 14.00 6.63
C GLU D 112 -23.96 14.25 8.13
N GLN D 113 -22.87 14.05 8.88
CA GLN D 113 -22.79 14.24 10.31
C GLN D 113 -22.19 15.59 10.74
N GLY D 114 -21.88 16.44 9.76
CA GLY D 114 -21.34 17.77 10.00
C GLY D 114 -20.01 18.11 9.33
N PRO D 115 -19.53 19.37 9.48
CA PRO D 115 -18.22 19.74 8.90
C PRO D 115 -17.04 19.15 9.67
N LEU D 116 -15.85 19.20 9.05
CA LEU D 116 -14.64 18.66 9.67
C LEU D 116 -13.77 19.78 10.26
N LEU D 117 -12.93 19.44 11.25
CA LEU D 117 -11.93 20.37 11.79
C LEU D 117 -10.99 20.70 10.61
N GLU D 118 -10.51 21.96 10.50
CA GLU D 118 -9.61 22.36 9.43
C GLU D 118 -8.40 21.42 9.27
N GLU D 119 -7.89 20.89 10.42
CA GLU D 119 -6.77 19.96 10.47
C GLU D 119 -7.10 18.65 9.72
N HIS D 120 -8.36 18.16 9.85
CA HIS D 120 -8.82 16.94 9.16
C HIS D 120 -9.14 17.18 7.71
N ALA D 121 -9.71 18.36 7.37
CA ALA D 121 -10.05 18.73 5.98
C ALA D 121 -8.79 18.89 5.14
N ARG D 122 -7.74 19.47 5.76
CA ARG D 122 -6.44 19.72 5.18
C ARG D 122 -5.67 18.41 4.94
N LEU D 123 -5.73 17.47 5.90
CA LEU D 123 -5.11 16.14 5.84
C LEU D 123 -5.75 15.32 4.74
N PHE D 124 -7.11 15.30 4.65
CA PHE D 124 -7.86 14.60 3.60
C PHE D 124 -7.61 15.15 2.21
N MET D 125 -7.45 16.49 2.08
CA MET D 125 -7.17 17.20 0.82
C MET D 125 -5.78 16.78 0.30
N TYR D 126 -4.80 16.66 1.20
CA TYR D 126 -3.45 16.25 0.89
C TYR D 126 -3.46 14.86 0.24
N GLN D 127 -4.23 13.91 0.82
CA GLN D 127 -4.37 12.52 0.37
C GLN D 127 -5.06 12.44 -0.96
N LEU D 128 -6.15 13.22 -1.13
CA LEU D 128 -6.88 13.33 -2.37
C LEU D 128 -5.95 13.85 -3.49
N LEU D 129 -5.19 14.94 -3.23
CA LEU D 129 -4.24 15.52 -4.20
C LEU D 129 -3.10 14.56 -4.54
N ARG D 130 -2.63 13.77 -3.54
CA ARG D 130 -1.59 12.74 -3.73
C ARG D 130 -2.07 11.62 -4.66
N GLY D 131 -3.28 11.10 -4.45
CA GLY D 131 -3.89 10.07 -5.28
C GLY D 131 -4.16 10.54 -6.71
N LEU D 132 -4.51 11.85 -6.87
CA LEU D 132 -4.77 12.48 -8.17
C LEU D 132 -3.48 12.70 -8.93
N LYS D 133 -2.44 13.21 -8.26
CA LYS D 133 -1.15 13.45 -8.86
C LYS D 133 -0.62 12.11 -9.44
N TYR D 134 -0.93 10.99 -8.74
CA TYR D 134 -0.51 9.66 -9.18
C TYR D 134 -1.29 9.20 -10.42
N ILE D 135 -2.65 9.24 -10.37
CA ILE D 135 -3.47 8.79 -11.50
C ILE D 135 -3.19 9.65 -12.74
N HIS D 136 -3.12 10.98 -12.58
CA HIS D 136 -2.82 11.90 -13.67
C HIS D 136 -1.47 11.62 -14.36
N SER D 137 -0.44 11.22 -13.59
CA SER D 137 0.87 10.88 -14.12
C SER D 137 0.85 9.58 -14.96
N ALA D 138 -0.19 8.75 -14.75
CA ALA D 138 -0.45 7.48 -15.44
C ALA D 138 -1.48 7.70 -16.59
N ASN D 139 -1.83 8.98 -16.90
CA ASN D 139 -2.80 9.40 -17.94
C ASN D 139 -4.20 8.85 -17.71
N VAL D 140 -4.57 8.74 -16.41
CA VAL D 140 -5.84 8.25 -15.91
C VAL D 140 -6.49 9.43 -15.18
N LEU D 141 -7.82 9.61 -15.34
CA LEU D 141 -8.58 10.63 -14.62
C LEU D 141 -9.82 10.02 -13.93
N HIS D 142 -10.40 10.68 -12.92
CA HIS D 142 -11.65 10.21 -12.31
C HIS D 142 -12.85 10.99 -12.96
N ARG D 143 -13.74 10.28 -13.65
CA ARG D 143 -14.90 10.83 -14.35
C ARG D 143 -16.08 11.12 -13.43
N ASP D 144 -15.95 10.82 -12.13
CA ASP D 144 -17.05 10.98 -11.17
C ASP D 144 -16.53 11.26 -9.75
N LEU D 145 -15.67 12.26 -9.62
CA LEU D 145 -15.07 12.66 -8.35
C LEU D 145 -16.09 13.42 -7.47
N LYS D 146 -16.48 12.80 -6.34
CA LYS D 146 -17.47 13.34 -5.41
C LYS D 146 -17.26 12.67 -4.04
N PRO D 147 -17.73 13.28 -2.90
CA PRO D 147 -17.53 12.63 -1.60
C PRO D 147 -17.98 11.15 -1.50
N ALA D 148 -19.04 10.75 -2.22
CA ALA D 148 -19.53 9.35 -2.19
C ALA D 148 -18.53 8.31 -2.73
N ASN D 149 -17.59 8.75 -3.59
CA ASN D 149 -16.53 7.94 -4.22
C ASN D 149 -15.16 8.11 -3.56
N LEU D 150 -15.11 8.84 -2.42
CA LEU D 150 -13.90 9.00 -1.63
C LEU D 150 -14.12 8.18 -0.35
N PHE D 151 -13.37 7.07 -0.22
CA PHE D 151 -13.53 6.11 0.85
C PHE D 151 -12.60 6.42 2.03
N ILE D 152 -13.13 6.28 3.26
CA ILE D 152 -12.45 6.58 4.53
C ILE D 152 -12.37 5.38 5.46
N ASN D 153 -11.24 5.31 6.19
CA ASN D 153 -10.98 4.45 7.34
C ASN D 153 -10.74 5.50 8.43
N THR D 154 -11.74 5.70 9.30
CA THR D 154 -11.73 6.77 10.31
C THR D 154 -10.65 6.60 11.40
N GLU D 155 -10.23 5.36 11.69
N GLU D 155 -10.23 5.35 11.68
CA GLU D 155 -9.18 5.17 12.69
CA GLU D 155 -9.21 5.02 12.68
C GLU D 155 -7.87 5.81 12.23
C GLU D 155 -7.81 5.56 12.31
N ASP D 156 -7.37 5.40 11.04
CA ASP D 156 -6.08 5.89 10.53
C ASP D 156 -6.17 7.24 9.81
N LEU D 157 -7.41 7.72 9.61
CA LEU D 157 -7.73 8.96 8.88
C LEU D 157 -7.18 8.92 7.46
N VAL D 158 -7.41 7.76 6.80
CA VAL D 158 -6.99 7.44 5.45
C VAL D 158 -8.15 7.68 4.49
N LEU D 159 -7.84 8.41 3.40
CA LEU D 159 -8.73 8.69 2.29
C LEU D 159 -8.17 7.94 1.07
N LYS D 160 -9.03 7.25 0.37
CA LYS D 160 -8.68 6.48 -0.83
C LYS D 160 -9.76 6.75 -1.89
N ILE D 161 -9.33 7.11 -3.11
CA ILE D 161 -10.20 7.36 -4.25
C ILE D 161 -10.66 5.98 -4.77
N GLY D 162 -11.95 5.84 -5.05
CA GLY D 162 -12.57 4.63 -5.56
C GLY D 162 -12.34 4.47 -7.05
N ASP D 163 -12.11 3.22 -7.47
CA ASP D 163 -11.84 2.77 -8.84
C ASP D 163 -12.96 2.96 -9.87
N PHE D 164 -14.25 2.94 -9.46
CA PHE D 164 -15.37 3.03 -10.42
C PHE D 164 -15.65 4.48 -10.79
N GLY D 165 -14.94 4.90 -11.82
CA GLY D 165 -14.97 6.28 -12.31
C GLY D 165 -13.61 6.60 -12.89
N LEU D 166 -12.60 5.75 -12.59
CA LEU D 166 -11.26 5.89 -13.12
C LEU D 166 -11.27 5.54 -14.64
N ALA D 167 -10.74 6.43 -15.46
CA ALA D 167 -10.71 6.20 -16.90
C ALA D 167 -9.43 6.74 -17.52
N ARG D 168 -8.95 6.12 -18.58
CA ARG D 168 -7.78 6.61 -19.29
C ARG D 168 -8.18 7.89 -20.07
N ILE D 169 -7.34 8.96 -20.00
CA ILE D 169 -7.59 10.25 -20.67
C ILE D 169 -7.79 10.05 -22.17
N MET D 170 -8.88 10.66 -22.71
CA MET D 170 -9.31 10.68 -24.12
C MET D 170 -9.73 9.30 -24.66
N ASP D 171 -10.24 8.41 -23.79
CA ASP D 171 -10.74 7.09 -24.16
C ASP D 171 -11.98 7.29 -25.06
N PRO D 172 -11.91 6.93 -26.38
CA PRO D 172 -13.06 7.16 -27.28
C PRO D 172 -14.36 6.41 -26.90
N HIS D 173 -14.28 5.48 -25.94
CA HIS D 173 -15.43 4.71 -25.47
C HIS D 173 -16.44 5.64 -24.77
N TYR D 174 -15.92 6.74 -24.18
CA TYR D 174 -16.69 7.77 -23.47
C TYR D 174 -17.01 9.01 -24.31
N SER D 175 -16.75 8.95 -25.62
CA SER D 175 -17.07 10.05 -26.52
C SER D 175 -18.59 10.06 -26.73
N HIS D 176 -19.22 11.24 -26.63
CA HIS D 176 -20.68 11.46 -26.76
C HIS D 176 -21.49 10.65 -25.69
N LYS D 177 -20.96 10.59 -24.45
CA LYS D 177 -21.54 9.84 -23.34
C LYS D 177 -21.74 10.63 -22.02
N GLY D 178 -20.96 11.70 -21.82
CA GLY D 178 -21.03 12.54 -20.62
C GLY D 178 -22.31 13.33 -20.44
N HIS D 179 -23.07 13.58 -21.57
CA HIS D 179 -24.33 14.31 -21.56
CA HIS D 179 -24.33 14.31 -21.56
C HIS D 179 -25.56 13.37 -21.49
N LEU D 180 -25.31 12.07 -21.23
CA LEU D 180 -26.27 10.97 -21.04
C LEU D 180 -26.42 10.78 -19.53
N SER D 181 -27.62 10.31 -19.09
CA SER D 181 -28.00 10.08 -17.68
C SER D 181 -27.95 11.38 -16.87
N GLU D 182 -28.28 12.53 -17.51
CA GLU D 182 -28.23 13.85 -16.87
C GLU D 182 -29.09 13.96 -15.63
N GLY D 183 -30.30 13.44 -15.67
CA GLY D 183 -31.22 13.46 -14.53
C GLY D 183 -30.81 12.58 -13.36
N LEU D 184 -29.79 11.72 -13.55
CA LEU D 184 -29.30 10.82 -12.49
C LEU D 184 -28.00 11.30 -11.83
N VAL D 185 -27.16 12.01 -12.59
CA VAL D 185 -25.83 12.45 -12.17
C VAL D 185 -25.89 13.78 -11.44
N THR D 186 -24.93 14.01 -10.53
CA THR D 186 -24.83 15.27 -9.81
C THR D 186 -24.02 16.31 -10.61
N LYS D 187 -24.57 17.51 -10.66
CA LYS D 187 -23.96 18.62 -11.36
C LYS D 187 -22.97 19.34 -10.45
N TRP D 188 -23.14 19.19 -9.14
CA TRP D 188 -22.44 19.89 -8.08
C TRP D 188 -20.90 20.02 -8.16
N TYR D 189 -20.14 19.02 -8.69
CA TYR D 189 -18.65 19.10 -8.69
C TYR D 189 -18.05 19.32 -10.07
N ARG D 190 -18.91 19.74 -11.02
CA ARG D 190 -18.58 20.02 -12.40
C ARG D 190 -18.03 21.44 -12.56
N SER D 191 -16.91 21.53 -13.30
CA SER D 191 -16.21 22.79 -13.58
C SER D 191 -17.00 23.65 -14.57
N PRO D 192 -16.86 25.01 -14.54
CA PRO D 192 -17.56 25.83 -15.54
C PRO D 192 -17.37 25.33 -16.96
N ARG D 193 -16.15 24.86 -17.32
CA ARG D 193 -15.81 24.32 -18.63
C ARG D 193 -16.60 23.05 -18.96
N LEU D 194 -16.72 22.12 -17.99
CA LEU D 194 -17.46 20.87 -18.15
C LEU D 194 -18.96 21.14 -18.32
N LEU D 195 -19.45 22.23 -17.75
CA LEU D 195 -20.85 22.61 -17.92
C LEU D 195 -21.10 23.12 -19.33
N LEU D 196 -20.11 23.84 -19.93
CA LEU D 196 -20.16 24.39 -21.28
C LEU D 196 -19.84 23.36 -22.37
N SER D 197 -18.93 22.42 -22.10
CA SER D 197 -18.49 21.34 -22.99
C SER D 197 -18.65 20.02 -22.18
N PRO D 198 -19.86 19.42 -22.20
CA PRO D 198 -20.16 18.27 -21.32
C PRO D 198 -19.42 16.95 -21.53
N ASN D 199 -18.80 16.72 -22.67
CA ASN D 199 -18.13 15.43 -22.93
C ASN D 199 -16.61 15.49 -22.83
N ASN D 200 -16.05 16.68 -22.52
CA ASN D 200 -14.61 16.92 -22.44
C ASN D 200 -14.09 16.79 -21.02
N TYR D 201 -13.47 15.64 -20.69
CA TYR D 201 -12.87 15.36 -19.37
C TYR D 201 -11.34 15.46 -19.42
N THR D 202 -10.78 16.32 -18.53
CA THR D 202 -9.35 16.63 -18.41
C THR D 202 -8.92 16.52 -16.94
N LYS D 203 -7.61 16.62 -16.70
CA LYS D 203 -7.02 16.57 -15.37
C LYS D 203 -7.54 17.78 -14.55
N ALA D 204 -7.66 18.97 -15.19
CA ALA D 204 -8.15 20.21 -14.58
C ALA D 204 -9.57 20.10 -14.02
N ILE D 205 -10.45 19.23 -14.62
CA ILE D 205 -11.81 19.05 -14.08
C ILE D 205 -11.76 18.20 -12.76
N ASP D 206 -10.74 17.33 -12.60
CA ASP D 206 -10.56 16.59 -11.35
C ASP D 206 -10.16 17.57 -10.26
N MET D 207 -9.33 18.55 -10.62
CA MET D 207 -8.86 19.62 -9.74
C MET D 207 -9.96 20.53 -9.26
N TRP D 208 -10.89 20.94 -10.14
CA TRP D 208 -12.04 21.77 -9.76
C TRP D 208 -12.89 21.02 -8.73
N ALA D 209 -13.20 19.72 -8.98
CA ALA D 209 -13.97 18.85 -8.09
C ALA D 209 -13.30 18.74 -6.72
N ALA D 210 -11.96 18.61 -6.69
CA ALA D 210 -11.18 18.54 -5.46
C ALA D 210 -11.35 19.82 -4.62
N GLY D 211 -11.36 20.99 -5.27
CA GLY D 211 -11.59 22.26 -4.59
C GLY D 211 -12.97 22.34 -3.95
N CYS D 212 -14.02 21.87 -4.66
CA CYS D 212 -15.41 21.81 -4.22
C CYS D 212 -15.57 20.88 -3.01
N ILE D 213 -14.91 19.70 -3.04
CA ILE D 213 -14.93 18.72 -1.95
C ILE D 213 -14.22 19.32 -0.71
N PHE D 214 -13.09 20.03 -0.93
CA PHE D 214 -12.35 20.72 0.14
C PHE D 214 -13.23 21.71 0.89
N ALA D 215 -13.97 22.55 0.14
CA ALA D 215 -14.91 23.55 0.69
C ALA D 215 -16.05 22.85 1.45
N GLU D 216 -16.58 21.73 0.91
CA GLU D 216 -17.63 20.91 1.55
C GLU D 216 -17.12 20.32 2.88
N MET D 217 -15.86 19.83 2.95
CA MET D 217 -15.27 19.30 4.20
C MET D 217 -15.17 20.41 5.28
N LEU D 218 -14.78 21.64 4.88
CA LEU D 218 -14.66 22.78 5.77
C LEU D 218 -16.00 23.30 6.31
N THR D 219 -17.05 23.36 5.47
CA THR D 219 -18.34 23.94 5.84
C THR D 219 -19.46 22.94 6.19
N GLY D 220 -19.36 21.73 5.64
CA GLY D 220 -20.37 20.70 5.86
C GLY D 220 -21.57 20.82 4.95
N LYS D 221 -21.49 21.68 3.94
CA LYS D 221 -22.55 21.89 2.96
C LYS D 221 -21.97 22.06 1.55
N THR D 222 -22.74 21.67 0.52
CA THR D 222 -22.35 21.77 -0.88
C THR D 222 -22.05 23.23 -1.24
N LEU D 223 -20.85 23.48 -1.80
CA LEU D 223 -20.43 24.83 -2.19
C LEU D 223 -21.39 25.42 -3.25
N PHE D 224 -21.62 24.70 -4.36
CA PHE D 224 -22.52 25.13 -5.44
C PHE D 224 -23.56 24.02 -5.70
N ALA D 225 -24.73 24.14 -5.06
CA ALA D 225 -25.82 23.17 -5.13
C ALA D 225 -26.93 23.55 -6.12
N GLY D 226 -26.62 23.44 -7.40
CA GLY D 226 -27.55 23.72 -8.50
C GLY D 226 -28.21 22.46 -9.02
N ALA D 227 -29.54 22.53 -9.26
CA ALA D 227 -30.36 21.42 -9.76
C ALA D 227 -30.07 21.10 -11.24
N HIS D 228 -29.78 22.14 -12.03
CA HIS D 228 -29.52 22.03 -13.45
C HIS D 228 -28.24 22.73 -13.84
N GLU D 229 -27.74 22.45 -15.06
CA GLU D 229 -26.51 23.01 -15.64
C GLU D 229 -26.48 24.54 -15.58
N LEU D 230 -27.59 25.22 -15.89
CA LEU D 230 -27.69 26.68 -15.86
C LEU D 230 -27.66 27.23 -14.43
N GLU D 231 -28.46 26.65 -13.50
CA GLU D 231 -28.53 27.05 -12.08
C GLU D 231 -27.15 26.95 -11.44
N GLN D 232 -26.40 25.89 -11.77
CA GLN D 232 -25.05 25.60 -11.32
C GLN D 232 -24.08 26.69 -11.81
N MET D 233 -24.22 27.13 -13.08
CA MET D 233 -23.41 28.18 -13.67
C MET D 233 -23.66 29.53 -13.01
N GLN D 234 -24.94 29.84 -12.73
CA GLN D 234 -25.37 31.08 -12.07
C GLN D 234 -24.83 31.18 -10.63
N LEU D 235 -24.74 30.03 -9.92
CA LEU D 235 -24.23 29.95 -8.54
C LEU D 235 -22.72 30.15 -8.49
N ILE D 236 -22.00 29.60 -9.50
CA ILE D 236 -20.54 29.75 -9.65
C ILE D 236 -20.22 31.23 -9.91
N LEU D 237 -20.92 31.83 -10.88
CA LEU D 237 -20.73 33.22 -11.30
C LEU D 237 -20.99 34.27 -10.20
N GLU D 238 -21.72 33.88 -9.14
CA GLU D 238 -22.01 34.74 -8.00
C GLU D 238 -20.80 34.80 -7.05
N SER D 239 -19.86 33.84 -7.17
CA SER D 239 -18.70 33.74 -6.28
C SER D 239 -17.33 33.73 -6.96
N ILE D 240 -17.25 33.24 -8.21
CA ILE D 240 -15.99 33.07 -8.93
C ILE D 240 -15.80 34.14 -9.99
N PRO D 241 -14.67 34.88 -9.97
CA PRO D 241 -14.46 35.92 -10.99
C PRO D 241 -14.08 35.33 -12.34
N VAL D 242 -14.49 36.02 -13.41
CA VAL D 242 -14.13 35.66 -14.78
C VAL D 242 -13.05 36.70 -15.09
N VAL D 243 -11.79 36.26 -15.15
CA VAL D 243 -10.67 37.21 -15.34
C VAL D 243 -10.22 37.36 -16.80
N HIS D 244 -10.63 36.43 -17.69
CA HIS D 244 -10.27 36.49 -19.12
C HIS D 244 -11.41 36.98 -20.00
N GLU D 245 -11.07 37.73 -21.08
CA GLU D 245 -12.04 38.26 -22.06
C GLU D 245 -12.69 37.13 -22.90
N GLU D 246 -11.92 36.02 -23.12
CA GLU D 246 -12.30 34.82 -23.87
C GLU D 246 -13.42 34.08 -23.14
N ASP D 247 -13.26 33.90 -21.80
CA ASP D 247 -14.24 33.22 -20.94
C ASP D 247 -15.52 34.06 -20.82
N ARG D 248 -15.37 35.40 -20.72
CA ARG D 248 -16.44 36.41 -20.64
C ARG D 248 -17.34 36.35 -21.87
N GLN D 249 -16.72 36.23 -23.06
CA GLN D 249 -17.40 36.19 -24.35
C GLN D 249 -18.14 34.86 -24.60
N GLU D 250 -17.58 33.72 -24.13
CA GLU D 250 -18.22 32.40 -24.28
C GLU D 250 -19.54 32.37 -23.49
N LEU D 251 -19.51 32.96 -22.27
CA LEU D 251 -20.67 33.05 -21.38
C LEU D 251 -21.77 33.94 -21.95
N LEU D 252 -21.38 35.05 -22.61
CA LEU D 252 -22.34 35.99 -23.20
C LEU D 252 -23.07 35.39 -24.40
N SER D 253 -22.51 34.34 -25.02
CA SER D 253 -23.07 33.64 -26.17
C SER D 253 -23.94 32.43 -25.76
N VAL D 254 -23.99 32.10 -24.45
CA VAL D 254 -24.76 30.97 -23.93
C VAL D 254 -25.77 31.42 -22.86
N ILE D 255 -25.27 32.08 -21.79
CA ILE D 255 -26.07 32.55 -20.65
C ILE D 255 -26.43 34.07 -20.83
N PRO D 256 -27.73 34.38 -21.05
CA PRO D 256 -28.11 35.79 -21.25
C PRO D 256 -28.17 36.59 -19.97
N THR D 264 -15.20 40.56 -12.88
CA THR D 264 -13.94 40.57 -12.13
C THR D 264 -14.21 40.60 -10.60
N GLU D 265 -15.35 41.19 -10.16
CA GLU D 265 -15.75 41.27 -8.74
C GLU D 265 -17.13 40.61 -8.49
N PRO D 266 -17.19 39.33 -8.03
CA PRO D 266 -18.49 38.68 -7.81
C PRO D 266 -19.23 39.21 -6.59
N HIS D 267 -20.58 39.14 -6.60
CA HIS D 267 -21.48 39.63 -5.52
C HIS D 267 -21.24 38.93 -4.18
N LYS D 268 -21.04 37.61 -4.20
CA LYS D 268 -20.80 36.85 -2.96
C LYS D 268 -19.49 36.05 -3.09
N PRO D 269 -18.30 36.68 -2.90
CA PRO D 269 -17.03 35.93 -3.07
C PRO D 269 -16.78 34.79 -2.06
N LEU D 270 -15.78 33.92 -2.33
CA LEU D 270 -15.45 32.76 -1.49
C LEU D 270 -15.21 33.12 -0.01
N THR D 271 -14.65 34.30 0.26
CA THR D 271 -14.41 34.80 1.63
C THR D 271 -15.74 34.91 2.41
N GLN D 272 -16.84 35.28 1.71
CA GLN D 272 -18.20 35.40 2.28
C GLN D 272 -18.85 34.02 2.39
N LEU D 273 -18.73 33.19 1.33
CA LEU D 273 -19.30 31.84 1.24
C LEU D 273 -18.76 30.90 2.31
N LEU D 274 -17.50 31.11 2.77
CA LEU D 274 -16.82 30.30 3.78
C LEU D 274 -16.50 31.20 5.00
N PRO D 275 -17.49 31.45 5.89
CA PRO D 275 -17.25 32.33 7.03
C PRO D 275 -16.78 31.54 8.27
N GLY D 276 -15.61 31.90 8.76
CA GLY D 276 -15.03 31.24 9.92
C GLY D 276 -13.81 30.41 9.60
N ILE D 277 -13.50 30.25 8.30
CA ILE D 277 -12.34 29.48 7.81
C ILE D 277 -11.13 30.40 7.71
N SER D 278 -9.92 29.87 8.04
CA SER D 278 -8.65 30.60 7.98
C SER D 278 -8.37 31.21 6.59
N ARG D 279 -7.65 32.35 6.57
CA ARG D 279 -7.30 33.06 5.34
C ARG D 279 -6.42 32.20 4.42
N GLU D 280 -5.57 31.32 5.03
CA GLU D 280 -4.67 30.37 4.38
C GLU D 280 -5.43 29.35 3.54
N ALA D 281 -6.51 28.75 4.09
CA ALA D 281 -7.35 27.76 3.39
C ALA D 281 -8.13 28.39 2.23
N VAL D 282 -8.71 29.62 2.44
CA VAL D 282 -9.48 30.38 1.43
C VAL D 282 -8.54 30.79 0.28
N ASP D 283 -7.30 31.20 0.60
CA ASP D 283 -6.31 31.60 -0.40
C ASP D 283 -5.93 30.41 -1.27
N PHE D 284 -5.73 29.24 -0.64
CA PHE D 284 -5.41 27.99 -1.34
C PHE D 284 -6.59 27.63 -2.26
N LEU D 285 -7.82 27.74 -1.73
CA LEU D 285 -9.06 27.47 -2.46
C LEU D 285 -9.28 28.40 -3.66
N GLU D 286 -8.93 29.67 -3.52
CA GLU D 286 -9.07 30.67 -4.59
C GLU D 286 -8.18 30.34 -5.80
N GLN D 287 -7.10 29.58 -5.56
CA GLN D 287 -6.13 29.16 -6.58
C GLN D 287 -6.55 27.90 -7.33
N ILE D 288 -7.52 27.14 -6.78
CA ILE D 288 -8.07 25.91 -7.39
C ILE D 288 -9.40 26.27 -8.07
N LEU D 289 -10.25 27.06 -7.38
CA LEU D 289 -11.53 27.46 -7.93
C LEU D 289 -11.43 28.71 -8.78
N THR D 290 -10.65 28.60 -9.87
CA THR D 290 -10.48 29.64 -10.88
C THR D 290 -11.42 29.23 -12.02
N PHE D 291 -12.09 30.21 -12.63
CA PHE D 291 -13.01 29.95 -13.73
C PHE D 291 -12.34 29.23 -14.91
N SER D 292 -11.13 29.68 -15.29
CA SER D 292 -10.33 29.11 -16.38
C SER D 292 -9.40 27.96 -15.91
N PRO D 293 -9.34 26.83 -16.65
CA PRO D 293 -8.40 25.76 -16.27
C PRO D 293 -6.94 26.17 -16.44
N MET D 294 -6.69 27.20 -17.27
CA MET D 294 -5.36 27.74 -17.57
C MET D 294 -4.70 28.37 -16.34
N ASP D 295 -5.50 28.92 -15.41
CA ASP D 295 -5.02 29.57 -14.17
C ASP D 295 -5.00 28.63 -12.96
N ARG D 296 -5.77 27.56 -13.01
CA ARG D 296 -5.90 26.56 -11.95
C ARG D 296 -4.60 25.81 -11.68
N LEU D 297 -4.32 25.53 -10.39
CA LEU D 297 -3.18 24.73 -9.97
C LEU D 297 -3.42 23.29 -10.43
N THR D 298 -2.34 22.57 -10.75
CA THR D 298 -2.39 21.14 -11.07
C THR D 298 -2.25 20.46 -9.70
N ALA D 299 -2.44 19.12 -9.58
CA ALA D 299 -2.30 18.37 -8.32
C ALA D 299 -0.88 18.52 -7.79
N GLU D 300 0.10 18.43 -8.71
CA GLU D 300 1.52 18.60 -8.43
C GLU D 300 1.83 20.01 -7.88
N GLU D 301 1.26 21.06 -8.49
CA GLU D 301 1.44 22.45 -8.05
C GLU D 301 0.76 22.70 -6.69
N ALA D 302 -0.47 22.17 -6.50
CA ALA D 302 -1.24 22.29 -5.25
C ALA D 302 -0.51 21.63 -4.09
N LEU D 303 0.16 20.50 -4.34
CA LEU D 303 0.92 19.78 -3.32
C LEU D 303 2.18 20.55 -2.94
N SER D 304 2.77 21.29 -3.91
CA SER D 304 3.97 22.09 -3.65
C SER D 304 3.61 23.45 -3.01
N HIS D 305 2.30 23.78 -2.93
CA HIS D 305 1.81 25.01 -2.29
C HIS D 305 2.17 24.95 -0.78
N PRO D 306 2.60 26.07 -0.14
CA PRO D 306 2.99 26.01 1.29
C PRO D 306 1.93 25.46 2.26
N TYR D 307 0.63 25.60 1.90
CA TYR D 307 -0.51 25.10 2.68
C TYR D 307 -0.52 23.57 2.75
N MET D 308 0.07 22.90 1.73
CA MET D 308 0.13 21.45 1.61
C MET D 308 1.51 20.86 1.86
N SER D 309 2.60 21.53 1.42
CA SER D 309 3.98 21.03 1.50
C SER D 309 4.44 20.56 2.89
N ILE D 310 3.79 21.06 3.95
CA ILE D 310 4.06 20.74 5.34
C ILE D 310 3.79 19.25 5.70
N TYR D 311 3.00 18.53 4.89
CA TYR D 311 2.69 17.12 5.10
C TYR D 311 3.71 16.12 4.51
N SER D 312 4.73 16.61 3.76
CA SER D 312 5.71 15.72 3.14
C SER D 312 7.14 15.90 3.65
N PHE D 313 7.84 14.75 3.87
CA PHE D 313 9.21 14.65 4.36
C PHE D 313 10.21 15.11 3.30
#